data_5YQG
#
_entry.id   5YQG
#
_cell.length_a   59.260
_cell.length_b   74.626
_cell.length_c   134.136
_cell.angle_alpha   90.00
_cell.angle_beta   90.07
_cell.angle_gamma   90.00
#
_symmetry.space_group_name_H-M   'P 1 21 1'
#
loop_
_entity.id
_entity.type
_entity.pdbx_description
1 polymer '14-3-3 protein eta'
2 polymer 'Peptide from Protein numb homolog'
3 water water
#
loop_
_entity_poly.entity_id
_entity_poly.type
_entity_poly.pdbx_seq_one_letter_code
_entity_poly.pdbx_strand_id
1 'polypeptide(L)'
;GPGSEFMGDREQLLQRARLAEQAERYDDMASAMKAVTELNEPLSNEDRNLLSVAYKNVVGARRSSWRVISSIEQKTMADG
NEKKLEKVKAYREKIEKELETVCNDVLALLDKFLIKNCNDFQYESKVFYLKMKGDYYRYLAEVASGEKKNSVVEASEAAY
KEAFEISKEHMQPTHPIRLGLALNFSVFYYEIQNAPEQACLLAKQAFDDAIAELDTLNEDSYKDSTLIMQLLRDNLTLWT
SDQQDEEAGEGN
;
A,B,C,D
2 'polypeptide(L)' LARQG(SEP)FRGFPALSQKMSPFKRQL(SEP)LRINEL E,F
#
# COMPACT_ATOMS: atom_id res chain seq x y z
N PHE A 6 13.21 -2.25 20.61
CA PHE A 6 12.68 -2.76 19.35
C PHE A 6 11.27 -2.22 19.08
N MET A 7 11.06 -0.95 19.44
CA MET A 7 9.74 -0.33 19.36
C MET A 7 9.51 0.50 18.09
N GLY A 8 10.56 0.85 17.35
CA GLY A 8 10.40 1.69 16.18
C GLY A 8 9.65 1.00 15.05
N ASP A 9 9.29 1.81 14.04
CA ASP A 9 8.53 1.29 12.90
C ASP A 9 9.28 0.15 12.21
N ARG A 10 10.59 0.32 12.02
CA ARG A 10 11.34 -0.67 11.25
C ARG A 10 11.24 -2.06 11.88
N GLU A 11 11.54 -2.15 13.18
CA GLU A 11 11.49 -3.43 13.85
C GLU A 11 10.06 -3.96 13.93
N GLN A 12 9.08 -3.09 14.15
CA GLN A 12 7.67 -3.51 14.07
C GLN A 12 7.38 -4.18 12.73
N LEU A 13 7.70 -3.49 11.63
CA LEU A 13 7.39 -4.03 10.31
C LEU A 13 8.16 -5.32 10.03
N LEU A 14 9.45 -5.36 10.41
CA LEU A 14 10.24 -6.56 10.16
C LEU A 14 9.70 -7.76 10.94
N GLN A 15 9.29 -7.53 12.18
CA GLN A 15 8.70 -8.61 12.96
C GLN A 15 7.40 -9.08 12.33
N ARG A 16 6.58 -8.14 11.84
CA ARG A 16 5.33 -8.50 11.14
C ARG A 16 5.61 -9.37 9.92
N ALA A 17 6.64 -9.03 9.14
CA ALA A 17 6.89 -9.82 7.94
C ALA A 17 7.40 -11.21 8.25
N ARG A 18 8.20 -11.35 9.31
CA ARG A 18 8.67 -12.68 9.66
C ARG A 18 7.53 -13.57 10.15
N LEU A 19 6.60 -12.99 10.93
CA LEU A 19 5.42 -13.75 11.36
C LEU A 19 4.54 -14.09 10.17
N ALA A 20 4.28 -13.11 9.31
CA ALA A 20 3.49 -13.36 8.12
C ALA A 20 4.10 -14.49 7.29
N GLU A 21 5.43 -14.51 7.21
CA GLU A 21 6.08 -15.63 6.52
C GLU A 21 5.71 -16.95 7.14
N GLN A 22 5.89 -17.06 8.45
CA GLN A 22 5.62 -18.33 9.11
C GLN A 22 4.16 -18.73 8.95
N ALA A 23 3.26 -17.76 8.86
CA ALA A 23 1.83 -18.03 8.70
C ALA A 23 1.43 -18.23 7.23
N GLU A 24 2.38 -18.14 6.31
CA GLU A 24 2.13 -18.16 4.85
C GLU A 24 1.05 -17.16 4.45
N ARG A 25 1.16 -15.95 5.00
CA ARG A 25 0.29 -14.84 4.65
C ARG A 25 1.17 -13.85 3.88
N TYR A 26 1.34 -14.12 2.59
CA TYR A 26 2.36 -13.43 1.82
C TYR A 26 1.93 -12.03 1.42
N ASP A 27 0.62 -11.77 1.35
CA ASP A 27 0.20 -10.38 1.12
C ASP A 27 0.56 -9.51 2.31
N ASP A 28 0.35 -10.02 3.54
CA ASP A 28 0.82 -9.30 4.74
C ASP A 28 2.32 -9.12 4.69
N MET A 29 3.03 -10.18 4.34
CA MET A 29 4.45 -10.14 4.29
C MET A 29 4.96 -9.07 3.35
N ALA A 30 4.41 -9.03 2.15
CA ALA A 30 4.82 -8.07 1.13
C ALA A 30 4.49 -6.64 1.54
N SER A 31 3.26 -6.42 2.02
CA SER A 31 2.89 -5.09 2.53
C SER A 31 3.85 -4.63 3.62
N ALA A 32 4.28 -5.55 4.51
CA ALA A 32 5.23 -5.16 5.55
C ALA A 32 6.60 -4.82 4.96
N MET A 33 7.09 -5.61 4.03
CA MET A 33 8.39 -5.38 3.43
C MET A 33 8.38 -4.14 2.54
N LYS A 34 7.28 -3.89 1.90
CA LYS A 34 7.12 -2.66 1.15
C LYS A 34 7.30 -1.46 2.06
N ALA A 35 6.62 -1.50 3.21
CA ALA A 35 6.73 -0.41 4.18
C ALA A 35 8.17 -0.28 4.70
N VAL A 36 8.82 -1.42 5.00
CA VAL A 36 10.24 -1.38 5.41
C VAL A 36 11.08 -0.69 4.34
N THR A 37 10.96 -1.13 3.08
CA THR A 37 11.72 -0.53 2.00
C THR A 37 11.48 0.96 1.90
N GLU A 38 10.23 1.40 2.13
CA GLU A 38 9.88 2.80 1.98
C GLU A 38 10.43 3.65 3.11
N LEU A 39 11.01 3.05 4.16
CA LEU A 39 11.76 3.84 5.13
C LEU A 39 13.06 4.39 4.56
N ASN A 40 13.43 3.99 3.35
CA ASN A 40 14.57 4.57 2.65
C ASN A 40 15.89 4.25 3.33
N GLU A 41 15.99 3.09 3.96
CA GLU A 41 17.23 2.61 4.53
C GLU A 41 17.64 1.33 3.83
N PRO A 42 18.93 1.02 3.77
CA PRO A 42 19.36 -0.18 3.05
C PRO A 42 18.75 -1.44 3.64
N LEU A 43 18.53 -2.43 2.79
CA LEU A 43 18.11 -3.75 3.23
C LEU A 43 19.35 -4.61 3.43
N SER A 44 19.42 -5.27 4.57
CA SER A 44 20.45 -6.31 4.73
C SER A 44 20.13 -7.47 3.79
N ASN A 45 21.02 -8.46 3.77
CA ASN A 45 20.76 -9.63 2.95
C ASN A 45 19.55 -10.40 3.46
N GLU A 46 19.38 -10.46 4.78
CA GLU A 46 18.17 -11.10 5.31
C GLU A 46 16.93 -10.32 4.92
N ASP A 47 16.97 -8.99 5.06
CA ASP A 47 15.81 -8.15 4.70
C ASP A 47 15.50 -8.30 3.22
N ARG A 48 16.56 -8.34 2.40
CA ARG A 48 16.39 -8.45 0.94
C ARG A 48 15.72 -9.76 0.58
N ASN A 49 16.09 -10.84 1.28
CA ASN A 49 15.46 -12.13 1.03
C ASN A 49 14.00 -12.13 1.51
N LEU A 50 13.68 -11.44 2.60
CA LEU A 50 12.27 -11.31 3.01
C LEU A 50 11.46 -10.64 1.93
N LEU A 51 11.94 -9.50 1.43
CA LEU A 51 11.24 -8.77 0.39
C LEU A 51 11.04 -9.63 -0.86
N SER A 52 12.07 -10.37 -1.25
CA SER A 52 11.99 -11.20 -2.45
C SER A 52 11.03 -12.36 -2.26
N VAL A 53 11.12 -13.06 -1.13
CA VAL A 53 10.24 -14.21 -0.87
C VAL A 53 8.78 -13.75 -0.87
N ALA A 54 8.50 -12.64 -0.19
CA ALA A 54 7.14 -12.13 -0.10
C ALA A 54 6.56 -11.85 -1.48
N TYR A 55 7.26 -11.05 -2.29
CA TYR A 55 6.70 -10.67 -3.59
C TYR A 55 6.70 -11.81 -4.59
N LYS A 56 7.70 -12.70 -4.54
CA LYS A 56 7.67 -13.86 -5.42
C LYS A 56 6.40 -14.68 -5.18
N ASN A 57 5.98 -14.81 -3.92
CA ASN A 57 4.81 -15.62 -3.62
C ASN A 57 3.52 -14.92 -4.03
N VAL A 58 3.40 -13.64 -3.69
CA VAL A 58 2.24 -12.85 -4.07
C VAL A 58 2.06 -12.86 -5.60
N VAL A 59 3.13 -12.53 -6.34
CA VAL A 59 3.02 -12.51 -7.79
C VAL A 59 2.81 -13.93 -8.34
N GLY A 60 3.39 -14.94 -7.67
CA GLY A 60 3.25 -16.30 -8.17
C GLY A 60 1.81 -16.80 -8.11
N ALA A 61 1.07 -16.43 -7.06
CA ALA A 61 -0.34 -16.79 -7.00
C ALA A 61 -1.13 -16.12 -8.12
N ARG A 62 -0.85 -14.84 -8.43
CA ARG A 62 -1.60 -14.19 -9.51
C ARG A 62 -1.22 -14.80 -10.85
N ARG A 63 0.09 -15.04 -11.06
CA ARG A 63 0.54 -15.69 -12.29
C ARG A 63 -0.15 -17.03 -12.47
N SER A 64 -0.17 -17.84 -11.42
CA SER A 64 -0.76 -19.17 -11.55
C SER A 64 -2.26 -19.07 -11.79
N SER A 65 -2.95 -18.16 -11.10
CA SER A 65 -4.38 -17.95 -11.37
C SER A 65 -4.59 -17.47 -12.80
N TRP A 66 -3.73 -16.55 -13.25
CA TRP A 66 -3.90 -15.96 -14.57
C TRP A 66 -3.76 -17.01 -15.66
N ARG A 67 -2.83 -17.96 -15.49
CA ARG A 67 -2.66 -19.01 -16.47
C ARG A 67 -3.89 -19.92 -16.53
N VAL A 68 -4.51 -20.19 -15.39
CA VAL A 68 -5.67 -21.07 -15.37
C VAL A 68 -6.84 -20.45 -16.13
N ILE A 69 -7.15 -19.19 -15.82
CA ILE A 69 -8.30 -18.54 -16.42
C ILE A 69 -8.05 -18.27 -17.91
N SER A 70 -6.88 -17.70 -18.24
CA SER A 70 -6.51 -17.46 -19.64
C SER A 70 -6.59 -18.76 -20.46
N SER A 71 -6.29 -19.89 -19.84
CA SER A 71 -6.42 -21.17 -20.52
C SER A 71 -7.89 -21.55 -20.71
N ILE A 72 -8.69 -21.39 -19.64
CA ILE A 72 -10.13 -21.57 -19.80
C ILE A 72 -10.68 -20.59 -20.83
N GLU A 73 -10.10 -19.39 -20.92
CA GLU A 73 -10.54 -18.46 -21.95
C GLU A 73 -10.21 -18.96 -23.35
N GLN A 74 -9.13 -19.75 -23.48
CA GLN A 74 -8.81 -20.34 -24.78
C GLN A 74 -9.95 -21.23 -25.27
N LYS A 75 -10.58 -22.00 -24.38
CA LYS A 75 -11.80 -22.72 -24.72
C LYS A 75 -12.92 -21.73 -24.97
N THR A 76 -13.07 -21.30 -26.23
CA THR A 76 -14.02 -20.25 -26.61
C THR A 76 -14.78 -20.74 -27.85
N MET A 77 -15.98 -21.28 -27.62
CA MET A 77 -16.83 -21.79 -28.70
C MET A 77 -18.28 -21.89 -28.22
N ASN A 81 -20.71 -19.54 -25.93
CA ASN A 81 -21.56 -18.48 -25.42
C ASN A 81 -20.79 -17.16 -25.33
N GLU A 82 -21.27 -16.15 -26.07
CA GLU A 82 -20.69 -14.81 -25.97
C GLU A 82 -20.73 -14.29 -24.55
N LYS A 83 -21.85 -14.50 -23.84
CA LYS A 83 -21.96 -13.99 -22.48
C LYS A 83 -21.08 -14.77 -21.51
N LYS A 84 -20.86 -16.07 -21.75
CA LYS A 84 -19.97 -16.84 -20.88
C LYS A 84 -18.52 -16.45 -21.12
N LEU A 85 -18.13 -16.26 -22.38
CA LEU A 85 -16.75 -15.87 -22.66
C LEU A 85 -16.42 -14.51 -22.05
N GLU A 86 -17.35 -13.56 -22.13
CA GLU A 86 -17.09 -12.21 -21.64
C GLU A 86 -16.79 -12.21 -20.15
N LYS A 87 -17.47 -13.07 -19.39
CA LYS A 87 -17.24 -13.12 -17.95
C LYS A 87 -15.92 -13.80 -17.62
N VAL A 88 -15.50 -14.79 -18.43
CA VAL A 88 -14.17 -15.36 -18.28
C VAL A 88 -13.12 -14.28 -18.57
N LYS A 89 -13.28 -13.57 -19.68
CA LYS A 89 -12.38 -12.48 -20.03
C LYS A 89 -12.34 -11.43 -18.92
N ALA A 90 -13.50 -11.03 -18.41
CA ALA A 90 -13.53 -10.02 -17.36
C ALA A 90 -12.82 -10.49 -16.11
N TYR A 91 -12.96 -11.78 -15.77
CA TYR A 91 -12.27 -12.31 -14.60
C TYR A 91 -10.77 -12.38 -14.82
N ARG A 92 -10.34 -12.81 -16.01
CA ARG A 92 -8.93 -12.87 -16.33
C ARG A 92 -8.30 -11.48 -16.24
N GLU A 93 -9.03 -10.45 -16.68
CA GLU A 93 -8.52 -9.09 -16.61
C GLU A 93 -8.48 -8.56 -15.19
N LYS A 94 -9.44 -8.96 -14.35
CA LYS A 94 -9.40 -8.62 -12.93
C LYS A 94 -8.13 -9.16 -12.29
N ILE A 95 -7.82 -10.44 -12.54
CA ILE A 95 -6.59 -11.04 -12.02
C ILE A 95 -5.39 -10.33 -12.60
N GLU A 96 -5.42 -10.09 -13.92
CA GLU A 96 -4.35 -9.39 -14.61
C GLU A 96 -4.04 -8.05 -13.96
N LYS A 97 -5.10 -7.30 -13.63
CA LYS A 97 -4.92 -5.99 -12.99
C LYS A 97 -4.29 -6.14 -11.61
N GLU A 98 -4.70 -7.17 -10.86
CA GLU A 98 -4.03 -7.46 -9.59
C GLU A 98 -2.54 -7.74 -9.81
N LEU A 99 -2.21 -8.50 -10.85
CA LEU A 99 -0.82 -8.87 -11.09
C LEU A 99 0.01 -7.66 -11.48
N GLU A 100 -0.56 -6.77 -12.29
CA GLU A 100 0.13 -5.57 -12.74
C GLU A 100 0.44 -4.65 -11.55
N THR A 101 -0.54 -4.47 -10.67
CA THR A 101 -0.34 -3.64 -9.48
C THR A 101 0.78 -4.21 -8.60
N VAL A 102 0.81 -5.53 -8.43
CA VAL A 102 1.90 -6.14 -7.66
C VAL A 102 3.25 -5.85 -8.31
N CYS A 103 3.35 -6.09 -9.63
CA CYS A 103 4.62 -5.91 -10.34
C CYS A 103 5.07 -4.45 -10.29
N ASN A 104 4.11 -3.53 -10.46
CA ASN A 104 4.45 -2.11 -10.47
C ASN A 104 4.85 -1.61 -9.09
N ASP A 105 4.28 -2.18 -8.03
CA ASP A 105 4.73 -1.84 -6.68
C ASP A 105 6.18 -2.23 -6.48
N VAL A 106 6.52 -3.47 -6.85
CA VAL A 106 7.90 -3.96 -6.80
C VAL A 106 8.81 -3.05 -7.59
N LEU A 107 8.46 -2.80 -8.86
CA LEU A 107 9.33 -2.01 -9.72
C LEU A 107 9.49 -0.60 -9.19
N ALA A 108 8.42 -0.02 -8.63
CA ALA A 108 8.56 1.30 -8.01
C ALA A 108 9.53 1.23 -6.83
N LEU A 109 9.42 0.20 -6.00
CA LEU A 109 10.36 0.02 -4.89
C LEU A 109 11.80 -0.07 -5.41
N LEU A 110 12.03 -0.89 -6.43
CA LEU A 110 13.37 -1.04 -6.98
C LEU A 110 13.90 0.27 -7.52
N ASP A 111 13.07 1.02 -8.23
CA ASP A 111 13.53 2.25 -8.86
C ASP A 111 13.64 3.40 -7.87
N LYS A 112 12.70 3.52 -6.92
CA LYS A 112 12.73 4.67 -6.03
C LYS A 112 13.73 4.50 -4.89
N PHE A 113 13.99 3.26 -4.45
CA PHE A 113 14.78 3.03 -3.24
C PHE A 113 15.93 2.06 -3.47
N LEU A 114 15.64 0.83 -3.92
CA LEU A 114 16.60 -0.26 -3.80
C LEU A 114 17.79 -0.09 -4.72
N ILE A 115 17.54 0.00 -6.03
CA ILE A 115 18.64 0.20 -6.97
C ILE A 115 19.29 1.56 -6.75
N LYS A 116 18.47 2.59 -6.52
CA LYS A 116 18.99 3.95 -6.35
C LYS A 116 20.06 4.00 -5.26
N ASN A 117 19.71 3.54 -4.05
CA ASN A 117 20.60 3.69 -2.89
C ASN A 117 21.79 2.74 -2.91
N CYS A 118 21.92 1.85 -3.90
CA CYS A 118 23.10 1.01 -3.96
C CYS A 118 24.34 1.86 -4.17
N ASN A 119 25.34 1.66 -3.33
CA ASN A 119 26.62 2.30 -3.54
C ASN A 119 27.38 1.59 -4.65
N ASP A 120 28.29 2.33 -5.28
CA ASP A 120 29.00 1.81 -6.44
C ASP A 120 29.72 0.49 -6.13
N PHE A 121 30.08 0.26 -4.86
CA PHE A 121 30.81 -0.95 -4.49
C PHE A 121 29.90 -2.12 -4.08
N GLN A 122 28.59 -1.92 -3.99
CA GLN A 122 27.71 -3.02 -3.59
C GLN A 122 27.19 -3.77 -4.80
N TYR A 123 28.12 -4.44 -5.50
CA TYR A 123 27.80 -5.10 -6.75
C TYR A 123 26.80 -6.23 -6.55
N GLU A 124 26.90 -6.95 -5.43
CA GLU A 124 25.93 -8.02 -5.17
C GLU A 124 24.52 -7.47 -5.09
N SER A 125 24.33 -6.39 -4.31
CA SER A 125 23.02 -5.77 -4.23
C SER A 125 22.54 -5.33 -5.61
N LYS A 126 23.41 -4.69 -6.38
CA LYS A 126 23.00 -4.16 -7.68
C LYS A 126 22.56 -5.27 -8.61
N VAL A 127 23.36 -6.34 -8.70
CA VAL A 127 23.01 -7.46 -9.57
C VAL A 127 21.69 -8.09 -9.11
N PHE A 128 21.53 -8.26 -7.80
CA PHE A 128 20.31 -8.87 -7.26
C PHE A 128 19.08 -8.05 -7.58
N TYR A 129 19.16 -6.72 -7.42
CA TYR A 129 18.01 -5.84 -7.61
C TYR A 129 17.70 -5.63 -9.09
N LEU A 130 18.75 -5.48 -9.92
CA LEU A 130 18.50 -5.36 -11.35
C LEU A 130 17.95 -6.66 -11.94
N LYS A 131 18.41 -7.82 -11.45
CA LYS A 131 17.78 -9.08 -11.83
C LYS A 131 16.29 -9.07 -11.46
N MET A 132 15.97 -8.63 -10.23
CA MET A 132 14.59 -8.54 -9.79
C MET A 132 13.78 -7.65 -10.73
N LYS A 133 14.37 -6.54 -11.19
CA LYS A 133 13.70 -5.66 -12.13
C LYS A 133 13.43 -6.36 -13.46
N GLY A 134 14.42 -7.09 -13.99
CA GLY A 134 14.16 -7.91 -15.17
C GLY A 134 13.05 -8.93 -14.96
N ASP A 135 13.01 -9.54 -13.77
CA ASP A 135 12.00 -10.56 -13.47
C ASP A 135 10.58 -9.96 -13.48
N TYR A 136 10.40 -8.83 -12.81
CA TYR A 136 9.04 -8.30 -12.67
C TYR A 136 8.57 -7.63 -13.96
N TYR A 137 9.47 -7.05 -14.75
CA TYR A 137 9.08 -6.66 -16.10
C TYR A 137 8.76 -7.88 -16.95
N ARG A 138 9.49 -8.99 -16.73
CA ARG A 138 9.17 -10.22 -17.45
C ARG A 138 7.78 -10.71 -17.07
N TYR A 139 7.40 -10.61 -15.80
CA TYR A 139 6.04 -11.00 -15.42
C TYR A 139 5.00 -10.08 -16.05
N LEU A 140 5.31 -8.80 -16.22
CA LEU A 140 4.37 -7.95 -16.94
C LEU A 140 4.27 -8.37 -18.40
N ALA A 141 5.41 -8.72 -19.01
CA ALA A 141 5.43 -9.12 -20.41
C ALA A 141 4.64 -10.40 -20.66
N GLU A 142 4.53 -11.26 -19.63
CA GLU A 142 3.78 -12.51 -19.78
C GLU A 142 2.31 -12.25 -20.06
N VAL A 143 1.78 -11.10 -19.65
CA VAL A 143 0.36 -10.81 -19.80
C VAL A 143 0.10 -9.59 -20.67
N ALA A 144 1.12 -8.80 -20.99
CA ALA A 144 0.89 -7.58 -21.76
C ALA A 144 0.68 -7.90 -23.22
N SER A 145 0.07 -6.96 -23.93
CA SER A 145 -0.18 -7.06 -25.35
C SER A 145 0.24 -5.76 -26.04
N GLY A 146 0.35 -5.83 -27.37
CA GLY A 146 0.49 -4.62 -28.17
C GLY A 146 1.73 -3.82 -27.82
N GLU A 147 1.57 -2.49 -27.77
CA GLU A 147 2.70 -1.60 -27.50
C GLU A 147 3.15 -1.69 -26.05
N LYS A 148 2.20 -1.86 -25.13
CA LYS A 148 2.56 -2.07 -23.73
C LYS A 148 3.52 -3.24 -23.61
N LYS A 149 3.26 -4.33 -24.37
CA LYS A 149 4.15 -5.48 -24.31
C LYS A 149 5.55 -5.12 -24.77
N ASN A 150 5.66 -4.40 -25.88
CA ASN A 150 6.99 -4.07 -26.39
C ASN A 150 7.78 -3.28 -25.37
N SER A 151 7.12 -2.35 -24.67
CA SER A 151 7.79 -1.51 -23.70
C SER A 151 8.31 -2.31 -22.51
N VAL A 152 7.54 -3.28 -22.01
CA VAL A 152 8.00 -4.04 -20.85
C VAL A 152 9.01 -5.12 -21.26
N VAL A 153 8.90 -5.65 -22.48
CA VAL A 153 9.91 -6.59 -22.94
C VAL A 153 11.27 -5.90 -23.02
N GLU A 154 11.28 -4.68 -23.56
CA GLU A 154 12.52 -3.90 -23.65
C GLU A 154 13.05 -3.54 -22.26
N ALA A 155 12.17 -3.14 -21.33
CA ALA A 155 12.64 -2.81 -19.99
C ALA A 155 13.21 -4.05 -19.29
N SER A 156 12.59 -5.20 -19.49
CA SER A 156 13.10 -6.43 -18.89
C SER A 156 14.49 -6.77 -19.39
N GLU A 157 14.68 -6.77 -20.71
CA GLU A 157 15.97 -7.14 -21.28
C GLU A 157 17.06 -6.15 -20.86
N ALA A 158 16.71 -4.86 -20.74
CA ALA A 158 17.73 -3.87 -20.39
C ALA A 158 18.16 -4.00 -18.93
N ALA A 159 17.23 -4.33 -18.04
CA ALA A 159 17.59 -4.62 -16.66
C ALA A 159 18.49 -5.85 -16.57
N TYR A 160 18.03 -6.96 -17.17
CA TYR A 160 18.84 -8.18 -17.22
C TYR A 160 20.21 -7.92 -17.81
N LYS A 161 20.26 -7.23 -18.94
CA LYS A 161 21.52 -6.96 -19.61
C LYS A 161 22.47 -6.19 -18.70
N GLU A 162 21.97 -5.20 -17.96
CA GLU A 162 22.86 -4.44 -17.07
C GLU A 162 23.33 -5.30 -15.90
N ALA A 163 22.41 -5.99 -15.24
CA ALA A 163 22.81 -6.88 -14.15
C ALA A 163 23.84 -7.90 -14.63
N PHE A 164 23.69 -8.40 -15.86
CA PHE A 164 24.62 -9.42 -16.33
C PHE A 164 26.00 -8.85 -16.58
N GLU A 165 26.07 -7.63 -17.11
CA GLU A 165 27.35 -6.97 -17.33
C GLU A 165 28.07 -6.71 -16.02
N ILE A 166 27.37 -6.18 -15.02
CA ILE A 166 27.99 -6.01 -13.70
C ILE A 166 28.44 -7.36 -13.15
N SER A 167 27.59 -8.38 -13.26
CA SER A 167 27.94 -9.66 -12.68
C SER A 167 29.09 -10.33 -13.43
N LYS A 168 29.17 -10.14 -14.75
CA LYS A 168 30.30 -10.68 -15.50
C LYS A 168 31.60 -10.00 -15.10
N GLU A 169 31.53 -8.75 -14.63
CA GLU A 169 32.73 -8.03 -14.24
C GLU A 169 33.13 -8.32 -12.80
N HIS A 170 32.18 -8.58 -11.90
CA HIS A 170 32.50 -8.60 -10.48
C HIS A 170 32.14 -9.90 -9.76
N MET A 171 31.61 -10.90 -10.44
CA MET A 171 31.29 -12.16 -9.79
C MET A 171 31.95 -13.32 -10.53
N GLN A 172 32.30 -14.36 -9.77
CA GLN A 172 32.81 -15.58 -10.37
C GLN A 172 31.66 -16.29 -11.08
N PRO A 173 31.95 -17.08 -12.12
CA PRO A 173 30.88 -17.82 -12.81
C PRO A 173 30.18 -18.80 -11.90
N THR A 174 30.78 -19.13 -10.75
CA THR A 174 30.17 -20.03 -9.78
C THR A 174 29.24 -19.31 -8.81
N HIS A 175 29.21 -17.98 -8.82
CA HIS A 175 28.40 -17.24 -7.86
C HIS A 175 26.91 -17.53 -8.05
N PRO A 176 26.21 -17.99 -7.02
CA PRO A 176 24.78 -18.33 -7.18
C PRO A 176 23.94 -17.18 -7.73
N ILE A 177 24.20 -15.94 -7.31
CA ILE A 177 23.39 -14.84 -7.81
C ILE A 177 23.57 -14.67 -9.31
N ARG A 178 24.82 -14.77 -9.79
CA ARG A 178 25.04 -14.62 -11.21
C ARG A 178 24.49 -15.82 -12.00
N LEU A 179 24.63 -17.02 -11.45
CA LEU A 179 24.01 -18.19 -12.08
C LEU A 179 22.49 -18.07 -12.09
N GLY A 180 21.90 -17.62 -10.97
CA GLY A 180 20.45 -17.42 -10.96
C GLY A 180 20.01 -16.37 -11.95
N LEU A 181 20.85 -15.36 -12.18
CA LEU A 181 20.54 -14.33 -13.18
C LEU A 181 20.63 -14.90 -14.59
N ALA A 182 21.70 -15.65 -14.88
CA ALA A 182 21.81 -16.27 -16.19
C ALA A 182 20.60 -17.14 -16.49
N LEU A 183 20.17 -17.92 -15.48
CA LEU A 183 19.04 -18.82 -15.66
C LEU A 183 17.79 -18.04 -16.05
N ASN A 184 17.44 -17.03 -15.26
CA ASN A 184 16.24 -16.25 -15.52
C ASN A 184 16.35 -15.44 -16.81
N PHE A 185 17.55 -14.93 -17.11
CA PHE A 185 17.77 -14.24 -18.37
C PHE A 185 17.56 -15.19 -19.55
N SER A 186 18.00 -16.44 -19.41
CA SER A 186 17.77 -17.39 -20.50
C SER A 186 16.30 -17.75 -20.62
N VAL A 187 15.59 -17.82 -19.48
CA VAL A 187 14.14 -18.03 -19.55
C VAL A 187 13.46 -16.87 -20.25
N PHE A 188 13.94 -15.64 -20.00
CA PHE A 188 13.40 -14.49 -20.71
C PHE A 188 13.53 -14.66 -22.22
N TYR A 189 14.69 -15.09 -22.70
CA TYR A 189 14.85 -15.26 -24.14
C TYR A 189 13.94 -16.37 -24.67
N TYR A 190 13.83 -17.48 -23.94
CA TYR A 190 13.08 -18.62 -24.45
C TYR A 190 11.59 -18.34 -24.42
N GLU A 191 11.08 -17.88 -23.27
CA GLU A 191 9.65 -17.73 -23.05
C GLU A 191 9.09 -16.39 -23.56
N ILE A 192 9.83 -15.30 -23.42
CA ILE A 192 9.30 -13.99 -23.80
C ILE A 192 9.67 -13.63 -25.22
N GLN A 193 10.90 -13.91 -25.63
CA GLN A 193 11.38 -13.50 -26.93
C GLN A 193 11.22 -14.58 -28.00
N ASN A 194 10.87 -15.79 -27.62
CA ASN A 194 10.79 -16.93 -28.55
C ASN A 194 12.10 -17.05 -29.33
N ALA A 195 13.21 -16.96 -28.59
CA ALA A 195 14.56 -16.98 -29.14
C ALA A 195 15.29 -18.19 -28.56
N PRO A 196 14.93 -19.40 -28.98
CA PRO A 196 15.46 -20.60 -28.32
C PRO A 196 16.97 -20.74 -28.44
N GLU A 197 17.54 -20.44 -29.61
CA GLU A 197 18.99 -20.56 -29.80
C GLU A 197 19.71 -19.57 -28.89
N GLN A 198 19.27 -18.31 -28.90
CA GLN A 198 19.86 -17.31 -28.02
C GLN A 198 19.68 -17.70 -26.55
N ALA A 199 18.56 -18.32 -26.20
CA ALA A 199 18.36 -18.79 -24.83
C ALA A 199 19.32 -19.91 -24.48
N CYS A 200 19.44 -20.91 -25.38
CA CYS A 200 20.31 -22.05 -25.08
C CYS A 200 21.78 -21.64 -25.03
N LEU A 201 22.19 -20.70 -25.88
CA LEU A 201 23.60 -20.28 -25.85
C LEU A 201 23.94 -19.55 -24.57
N LEU A 202 22.99 -18.81 -23.98
CA LEU A 202 23.28 -18.11 -22.74
C LEU A 202 23.32 -19.08 -21.57
N ALA A 203 22.33 -19.96 -21.48
CA ALA A 203 22.36 -21.02 -20.48
C ALA A 203 23.61 -21.88 -20.63
N LYS A 204 24.01 -22.16 -21.89
CA LYS A 204 25.19 -22.99 -22.12
C LYS A 204 26.46 -22.30 -21.64
N GLN A 205 26.66 -21.03 -22.00
CA GLN A 205 27.88 -20.35 -21.60
C GLN A 205 27.97 -20.24 -20.08
N ALA A 206 26.83 -20.03 -19.41
CA ALA A 206 26.84 -19.87 -17.97
C ALA A 206 27.20 -21.18 -17.26
N PHE A 207 26.59 -22.28 -17.68
CA PHE A 207 26.97 -23.58 -17.13
C PHE A 207 28.42 -23.90 -17.48
N ASP A 208 28.83 -23.61 -18.72
CA ASP A 208 30.21 -23.87 -19.14
C ASP A 208 31.19 -23.08 -18.28
N ASP A 209 31.00 -21.77 -18.17
CA ASP A 209 31.88 -20.93 -17.37
C ASP A 209 31.91 -21.36 -15.91
N ALA A 210 30.81 -21.88 -15.40
CA ALA A 210 30.79 -22.32 -14.01
C ALA A 210 31.51 -23.65 -13.82
N ILE A 211 31.21 -24.64 -14.67
CA ILE A 211 31.84 -25.94 -14.55
C ILE A 211 33.35 -25.85 -14.76
N ALA A 212 33.81 -24.79 -15.45
CA ALA A 212 35.24 -24.58 -15.57
C ALA A 212 35.87 -24.27 -14.22
N GLU A 213 35.19 -23.49 -13.38
CA GLU A 213 35.74 -23.01 -12.13
C GLU A 213 35.41 -23.89 -10.93
N LEU A 214 34.63 -24.96 -11.12
CA LEU A 214 34.30 -25.86 -10.02
C LEU A 214 35.55 -26.62 -9.53
N TYR A 222 29.35 -24.73 -0.17
CA TYR A 222 29.19 -23.84 -1.31
C TYR A 222 28.50 -24.54 -2.48
N LYS A 223 27.97 -25.74 -2.22
CA LYS A 223 27.24 -26.50 -3.23
C LYS A 223 25.90 -25.87 -3.60
N ASP A 224 25.58 -24.68 -3.10
CA ASP A 224 24.38 -23.99 -3.54
C ASP A 224 24.47 -23.56 -5.00
N SER A 225 25.70 -23.48 -5.54
CA SER A 225 25.87 -23.19 -6.95
C SER A 225 25.50 -24.40 -7.81
N THR A 226 25.71 -25.62 -7.31
CA THR A 226 25.44 -26.80 -8.12
C THR A 226 23.95 -26.94 -8.40
N LEU A 227 23.10 -26.58 -7.43
CA LEU A 227 21.67 -26.68 -7.64
C LEU A 227 21.23 -25.83 -8.82
N ILE A 228 21.73 -24.61 -8.93
CA ILE A 228 21.33 -23.73 -10.03
C ILE A 228 21.88 -24.25 -11.36
N MET A 229 23.15 -24.68 -11.37
CA MET A 229 23.73 -25.25 -12.58
C MET A 229 22.88 -26.42 -13.10
N GLN A 230 22.32 -27.22 -12.19
CA GLN A 230 21.44 -28.29 -12.63
C GLN A 230 20.19 -27.74 -13.31
N LEU A 231 19.66 -26.60 -12.86
CA LEU A 231 18.49 -26.02 -13.51
C LEU A 231 18.82 -25.55 -14.93
N LEU A 232 19.95 -24.86 -15.09
CA LEU A 232 20.45 -24.53 -16.42
C LEU A 232 20.48 -25.76 -17.31
N ARG A 233 21.08 -26.85 -16.81
CA ARG A 233 21.21 -28.06 -17.62
C ARG A 233 19.84 -28.68 -17.91
N ASP A 234 18.94 -28.66 -16.92
CA ASP A 234 17.58 -29.16 -17.14
C ASP A 234 16.90 -28.38 -18.24
N ASN A 235 16.92 -27.04 -18.15
CA ASN A 235 16.33 -26.22 -19.20
C ASN A 235 16.95 -26.52 -20.56
N LEU A 236 18.29 -26.64 -20.61
CA LEU A 236 18.94 -26.90 -21.88
C LEU A 236 18.56 -28.27 -22.46
N THR A 237 18.52 -29.30 -21.60
CA THR A 237 18.09 -30.62 -22.08
C THR A 237 16.65 -30.55 -22.59
N LEU A 238 15.80 -29.78 -21.93
CA LEU A 238 14.41 -29.64 -22.38
C LEU A 238 14.36 -28.89 -23.70
N TRP A 239 14.99 -27.71 -23.78
CA TRP A 239 14.99 -26.80 -24.92
C TRP A 239 15.70 -27.37 -26.18
N THR A 240 16.18 -28.61 -26.18
CA THR A 240 16.86 -29.18 -27.34
C THR A 240 16.19 -30.48 -27.81
N MET B 7 -26.08 -17.31 -18.94
CA MET B 7 -27.20 -16.41 -19.18
C MET B 7 -27.53 -15.59 -17.94
N GLY B 8 -28.39 -16.15 -17.09
CA GLY B 8 -28.95 -15.41 -15.98
C GLY B 8 -27.95 -15.03 -14.89
N ASP B 9 -28.45 -14.24 -13.93
CA ASP B 9 -27.59 -13.65 -12.91
C ASP B 9 -27.06 -14.70 -11.95
N ARG B 10 -27.94 -15.61 -11.51
CA ARG B 10 -27.52 -16.68 -10.61
C ARG B 10 -26.47 -17.56 -11.26
N GLU B 11 -26.69 -17.95 -12.53
CA GLU B 11 -25.70 -18.73 -13.26
C GLU B 11 -24.41 -17.93 -13.44
N GLN B 12 -24.50 -16.61 -13.54
CA GLN B 12 -23.31 -15.76 -13.62
C GLN B 12 -22.50 -15.84 -12.33
N LEU B 13 -23.19 -15.80 -11.18
CA LEU B 13 -22.50 -15.92 -9.88
C LEU B 13 -21.90 -17.30 -9.72
N LEU B 14 -22.60 -18.33 -10.16
CA LEU B 14 -22.09 -19.69 -10.06
C LEU B 14 -20.90 -19.92 -10.98
N GLN B 15 -20.91 -19.31 -12.17
CA GLN B 15 -19.74 -19.40 -13.05
C GLN B 15 -18.54 -18.71 -12.39
N ARG B 16 -18.75 -17.52 -11.81
CA ARG B 16 -17.70 -16.86 -11.03
C ARG B 16 -17.13 -17.78 -9.96
N ALA B 17 -18.00 -18.50 -9.25
CA ALA B 17 -17.53 -19.35 -8.17
C ALA B 17 -16.69 -20.52 -8.70
N ARG B 18 -17.06 -21.10 -9.85
CA ARG B 18 -16.23 -22.20 -10.34
C ARG B 18 -14.95 -21.71 -11.01
N LEU B 19 -14.97 -20.54 -11.66
CA LEU B 19 -13.73 -19.95 -12.14
C LEU B 19 -12.79 -19.69 -10.98
N ALA B 20 -13.31 -19.11 -9.90
CA ALA B 20 -12.48 -18.83 -8.74
C ALA B 20 -11.91 -20.12 -8.14
N GLU B 21 -12.75 -21.16 -8.01
CA GLU B 21 -12.23 -22.42 -7.53
C GLU B 21 -11.06 -22.92 -8.38
N GLN B 22 -11.21 -22.85 -9.71
CA GLN B 22 -10.16 -23.35 -10.60
C GLN B 22 -8.88 -22.54 -10.45
N ALA B 23 -9.01 -21.24 -10.21
CA ALA B 23 -7.88 -20.36 -10.00
C ALA B 23 -7.36 -20.39 -8.56
N GLU B 24 -7.98 -21.18 -7.69
CA GLU B 24 -7.64 -21.24 -6.27
C GLU B 24 -7.72 -19.85 -5.64
N ARG B 25 -8.74 -19.09 -6.01
CA ARG B 25 -9.05 -17.79 -5.40
C ARG B 25 -10.33 -17.95 -4.58
N TYR B 26 -10.16 -18.47 -3.36
CA TYR B 26 -11.29 -18.91 -2.56
C TYR B 26 -12.04 -17.76 -1.91
N ASP B 27 -11.38 -16.61 -1.70
CA ASP B 27 -12.15 -15.45 -1.24
C ASP B 27 -13.12 -15.00 -2.33
N ASP B 28 -12.68 -15.01 -3.60
CA ASP B 28 -13.61 -14.76 -4.70
C ASP B 28 -14.71 -15.82 -4.73
N MET B 29 -14.33 -17.09 -4.55
CA MET B 29 -15.32 -18.15 -4.58
C MET B 29 -16.37 -17.97 -3.49
N ALA B 30 -15.93 -17.60 -2.28
CA ALA B 30 -16.84 -17.48 -1.15
C ALA B 30 -17.73 -16.26 -1.30
N SER B 31 -17.16 -15.17 -1.81
CA SER B 31 -17.97 -14.00 -2.11
C SER B 31 -19.06 -14.31 -3.13
N ALA B 32 -18.76 -15.17 -4.12
CA ALA B 32 -19.79 -15.47 -5.11
C ALA B 32 -20.87 -16.38 -4.53
N MET B 33 -20.47 -17.40 -3.73
CA MET B 33 -21.47 -18.31 -3.18
C MET B 33 -22.29 -17.64 -2.09
N LYS B 34 -21.70 -16.65 -1.42
CA LYS B 34 -22.48 -15.84 -0.49
C LYS B 34 -23.56 -15.07 -1.23
N ALA B 35 -23.21 -14.46 -2.37
CA ALA B 35 -24.21 -13.73 -3.15
C ALA B 35 -25.29 -14.66 -3.67
N VAL B 36 -24.92 -15.88 -4.07
CA VAL B 36 -25.92 -16.85 -4.52
C VAL B 36 -26.91 -17.15 -3.40
N THR B 37 -26.40 -17.37 -2.18
CA THR B 37 -27.26 -17.73 -1.06
C THR B 37 -28.24 -16.62 -0.71
N GLU B 38 -27.77 -15.38 -0.74
CA GLU B 38 -28.59 -14.23 -0.39
C GLU B 38 -29.59 -13.87 -1.48
N LEU B 39 -29.56 -14.54 -2.63
CA LEU B 39 -30.71 -14.42 -3.53
C LEU B 39 -31.95 -15.12 -3.01
N ASN B 40 -31.83 -15.84 -1.88
CA ASN B 40 -32.99 -16.42 -1.19
C ASN B 40 -33.66 -17.49 -2.03
N GLU B 41 -32.90 -18.12 -2.92
CA GLU B 41 -33.34 -19.33 -3.61
C GLU B 41 -32.52 -20.51 -3.12
N PRO B 42 -33.11 -21.70 -3.05
CA PRO B 42 -32.39 -22.83 -2.46
C PRO B 42 -31.17 -23.23 -3.29
N LEU B 43 -30.26 -23.95 -2.65
CA LEU B 43 -29.08 -24.44 -3.35
C LEU B 43 -29.25 -25.90 -3.73
N SER B 44 -28.84 -26.23 -4.94
CA SER B 44 -28.77 -27.63 -5.35
C SER B 44 -27.63 -28.34 -4.61
N ASN B 45 -27.54 -29.66 -4.82
N ASN B 45 -27.54 -29.66 -4.83
CA ASN B 45 -26.45 -30.42 -4.21
CA ASN B 45 -26.46 -30.43 -4.23
C ASN B 45 -25.09 -29.88 -4.64
C ASN B 45 -25.10 -29.90 -4.64
N GLU B 46 -24.96 -29.50 -5.90
CA GLU B 46 -23.67 -28.98 -6.39
C GLU B 46 -23.42 -27.59 -5.85
N ASP B 47 -24.47 -26.78 -5.74
CA ASP B 47 -24.34 -25.45 -5.18
C ASP B 47 -23.89 -25.50 -3.73
N ARG B 48 -24.48 -26.41 -2.94
CA ARG B 48 -24.07 -26.58 -1.55
C ARG B 48 -22.59 -26.94 -1.45
N ASN B 49 -22.12 -27.81 -2.35
CA ASN B 49 -20.72 -28.22 -2.30
C ASN B 49 -19.80 -27.06 -2.66
N LEU B 50 -20.19 -26.23 -3.64
CA LEU B 50 -19.38 -25.05 -3.95
C LEU B 50 -19.31 -24.09 -2.76
N LEU B 51 -20.45 -23.89 -2.10
CA LEU B 51 -20.47 -23.08 -0.88
C LEU B 51 -19.55 -23.67 0.18
N SER B 52 -19.61 -24.99 0.38
CA SER B 52 -18.81 -25.63 1.41
C SER B 52 -17.31 -25.60 1.06
N VAL B 53 -16.96 -25.90 -0.18
CA VAL B 53 -15.56 -25.87 -0.60
C VAL B 53 -14.98 -24.46 -0.43
N ALA B 54 -15.75 -23.43 -0.80
CA ALA B 54 -15.25 -22.06 -0.75
C ALA B 54 -14.89 -21.66 0.68
N TYR B 55 -15.83 -21.81 1.61
CA TYR B 55 -15.59 -21.40 2.99
C TYR B 55 -14.64 -22.33 3.74
N LYS B 56 -14.64 -23.62 3.39
CA LYS B 56 -13.68 -24.52 4.00
C LYS B 56 -12.27 -24.03 3.74
N ASN B 57 -12.00 -23.58 2.50
CA ASN B 57 -10.67 -23.12 2.15
C ASN B 57 -10.37 -21.77 2.77
N VAL B 58 -11.34 -20.85 2.78
CA VAL B 58 -11.11 -19.53 3.36
C VAL B 58 -10.85 -19.65 4.86
N VAL B 59 -11.73 -20.36 5.58
CA VAL B 59 -11.52 -20.52 7.02
C VAL B 59 -10.28 -21.38 7.29
N GLY B 60 -9.99 -22.36 6.44
CA GLY B 60 -8.87 -23.25 6.69
C GLY B 60 -7.54 -22.53 6.62
N ALA B 61 -7.40 -21.62 5.65
CA ALA B 61 -6.21 -20.76 5.60
C ALA B 61 -6.06 -19.96 6.91
N ARG B 62 -7.16 -19.40 7.44
CA ARG B 62 -7.07 -18.61 8.67
C ARG B 62 -6.75 -19.48 9.87
N ARG B 63 -7.36 -20.66 9.96
CA ARG B 63 -7.08 -21.60 11.05
C ARG B 63 -5.62 -22.05 11.03
N SER B 64 -5.09 -22.35 9.85
CA SER B 64 -3.68 -22.75 9.78
C SER B 64 -2.78 -21.61 10.25
N SER B 65 -3.00 -20.42 9.72
CA SER B 65 -2.20 -19.27 10.14
C SER B 65 -2.33 -19.03 11.64
N TRP B 66 -3.55 -19.11 12.16
CA TRP B 66 -3.78 -18.85 13.59
C TRP B 66 -3.00 -19.82 14.46
N ARG B 67 -3.00 -21.11 14.11
CA ARG B 67 -2.26 -22.08 14.92
C ARG B 67 -0.77 -21.80 14.93
N VAL B 68 -0.20 -21.43 13.77
CA VAL B 68 1.22 -21.12 13.71
C VAL B 68 1.54 -19.93 14.62
N ILE B 69 0.78 -18.84 14.48
CA ILE B 69 1.12 -17.63 15.25
C ILE B 69 0.81 -17.82 16.73
N SER B 70 -0.24 -18.57 17.05
CA SER B 70 -0.56 -18.81 18.45
C SER B 70 0.51 -19.68 19.10
N SER B 71 1.03 -20.65 18.36
CA SER B 71 2.18 -21.43 18.85
C SER B 71 3.39 -20.52 19.09
N ILE B 72 3.66 -19.59 18.18
CA ILE B 72 4.77 -18.66 18.42
C ILE B 72 4.47 -17.77 19.63
N GLU B 73 3.21 -17.41 19.84
CA GLU B 73 2.83 -16.57 20.97
C GLU B 73 3.09 -17.27 22.30
N GLN B 74 2.77 -18.57 22.40
CA GLN B 74 3.00 -19.29 23.64
C GLN B 74 4.49 -19.43 23.92
N LYS B 75 5.29 -19.65 22.88
CA LYS B 75 6.74 -19.75 23.06
C LYS B 75 7.36 -18.40 23.43
N THR B 76 6.81 -17.30 22.88
CA THR B 76 7.30 -15.98 23.24
C THR B 76 6.96 -15.62 24.69
N MET B 77 5.77 -16.00 25.14
CA MET B 77 5.35 -15.72 26.50
C MET B 77 6.20 -16.52 27.50
N ALA B 78 6.48 -17.78 27.17
CA ALA B 78 7.30 -18.60 28.04
C ALA B 78 8.67 -17.96 28.25
N ASP B 79 9.31 -17.52 27.16
CA ASP B 79 10.59 -16.82 27.25
C ASP B 79 10.48 -15.45 27.91
N GLY B 80 9.27 -14.96 28.19
CA GLY B 80 9.12 -13.67 28.83
C GLY B 80 9.57 -12.47 28.01
N ASN B 81 9.65 -12.61 26.70
CA ASN B 81 10.00 -11.49 25.83
C ASN B 81 8.75 -10.62 25.68
N GLU B 82 8.58 -9.68 26.61
CA GLU B 82 7.31 -8.99 26.72
C GLU B 82 7.04 -8.09 25.51
N LYS B 83 8.10 -7.47 24.96
CA LYS B 83 7.92 -6.56 23.84
C LYS B 83 7.60 -7.33 22.56
N LYS B 84 8.25 -8.46 22.36
CA LYS B 84 7.91 -9.29 21.21
C LYS B 84 6.54 -9.92 21.38
N LEU B 85 6.20 -10.34 22.61
CA LEU B 85 4.89 -10.93 22.84
C LEU B 85 3.77 -10.00 22.42
N GLU B 86 3.90 -8.71 22.73
CA GLU B 86 2.85 -7.75 22.37
C GLU B 86 2.65 -7.71 20.86
N LYS B 87 3.72 -7.85 20.08
CA LYS B 87 3.64 -7.80 18.62
C LYS B 87 3.05 -9.09 18.06
N VAL B 88 3.46 -10.24 18.60
CA VAL B 88 2.89 -11.51 18.17
C VAL B 88 1.39 -11.56 18.49
N LYS B 89 1.04 -11.16 19.71
CA LYS B 89 -0.36 -11.13 20.14
C LYS B 89 -1.21 -10.29 19.19
N ALA B 90 -0.73 -9.12 18.80
CA ALA B 90 -1.49 -8.27 17.90
C ALA B 90 -1.75 -8.97 16.56
N TYR B 91 -0.78 -9.74 16.08
CA TYR B 91 -0.96 -10.44 14.80
C TYR B 91 -1.90 -11.62 14.95
N ARG B 92 -1.76 -12.38 16.03
CA ARG B 92 -2.68 -13.49 16.30
C ARG B 92 -4.11 -13.00 16.38
N GLU B 93 -4.33 -11.89 17.11
CA GLU B 93 -5.66 -11.31 17.22
C GLU B 93 -6.19 -10.81 15.87
N LYS B 94 -5.31 -10.25 15.03
CA LYS B 94 -5.72 -9.86 13.67
C LYS B 94 -6.28 -11.06 12.91
N ILE B 95 -5.51 -12.15 12.87
CA ILE B 95 -5.91 -13.37 12.17
C ILE B 95 -7.17 -13.94 12.79
N GLU B 96 -7.25 -13.92 14.12
CA GLU B 96 -8.41 -14.43 14.84
C GLU B 96 -9.68 -13.69 14.43
N LYS B 97 -9.61 -12.36 14.29
CA LYS B 97 -10.81 -11.61 13.96
C LYS B 97 -11.27 -11.94 12.55
N GLU B 98 -10.33 -12.11 11.63
CA GLU B 98 -10.67 -12.59 10.29
C GLU B 98 -11.37 -13.93 10.36
N LEU B 99 -10.84 -14.84 11.18
CA LEU B 99 -11.40 -16.17 11.31
C LEU B 99 -12.82 -16.09 11.85
N GLU B 100 -13.02 -15.26 12.89
CA GLU B 100 -14.35 -15.15 13.47
C GLU B 100 -15.33 -14.52 12.49
N THR B 101 -14.88 -13.56 11.68
CA THR B 101 -15.78 -12.92 10.71
C THR B 101 -16.21 -13.92 9.63
N VAL B 102 -15.28 -14.72 9.11
CA VAL B 102 -15.62 -15.79 8.16
C VAL B 102 -16.66 -16.71 8.78
N CYS B 103 -16.40 -17.17 10.01
CA CYS B 103 -17.36 -18.05 10.68
C CYS B 103 -18.72 -17.39 10.86
N ASN B 104 -18.74 -16.11 11.26
CA ASN B 104 -20.03 -15.46 11.45
C ASN B 104 -20.75 -15.19 10.12
N ASP B 105 -20.01 -14.93 9.05
CA ASP B 105 -20.62 -14.83 7.73
C ASP B 105 -21.35 -16.11 7.37
N VAL B 106 -20.67 -17.26 7.49
CA VAL B 106 -21.27 -18.56 7.21
C VAL B 106 -22.49 -18.80 8.09
N LEU B 107 -22.33 -18.58 9.40
CA LEU B 107 -23.44 -18.82 10.33
C LEU B 107 -24.63 -17.93 10.00
N ALA B 108 -24.38 -16.68 9.61
CA ALA B 108 -25.50 -15.82 9.21
C ALA B 108 -26.21 -16.39 7.99
N LEU B 109 -25.46 -16.87 6.98
CA LEU B 109 -26.09 -17.47 5.81
C LEU B 109 -26.93 -18.67 6.20
N LEU B 110 -26.43 -19.50 7.10
CA LEU B 110 -27.17 -20.70 7.49
C LEU B 110 -28.47 -20.33 8.19
N ASP B 111 -28.42 -19.35 9.09
CA ASP B 111 -29.57 -19.00 9.91
C ASP B 111 -30.55 -18.11 9.16
N LYS B 112 -30.07 -17.18 8.34
CA LYS B 112 -30.96 -16.26 7.65
C LYS B 112 -31.56 -16.87 6.38
N PHE B 113 -30.87 -17.84 5.77
CA PHE B 113 -31.29 -18.37 4.48
C PHE B 113 -31.39 -19.89 4.47
N LEU B 114 -30.25 -20.58 4.60
CA LEU B 114 -30.18 -21.98 4.21
C LEU B 114 -31.02 -22.87 5.13
N ILE B 115 -30.71 -22.88 6.43
CA ILE B 115 -31.55 -23.66 7.35
C ILE B 115 -32.97 -23.10 7.39
N LYS B 116 -33.09 -21.79 7.33
CA LYS B 116 -34.38 -21.13 7.45
C LYS B 116 -35.36 -21.62 6.39
N ASN B 117 -34.90 -21.77 5.14
CA ASN B 117 -35.79 -22.09 4.03
C ASN B 117 -35.97 -23.59 3.76
N CYS B 118 -35.33 -24.46 4.54
CA CYS B 118 -35.59 -25.89 4.40
C CYS B 118 -36.98 -26.23 4.91
N ASN B 119 -37.69 -27.04 4.13
CA ASN B 119 -38.87 -27.74 4.62
C ASN B 119 -38.45 -29.00 5.37
N ASP B 120 -39.42 -29.57 6.10
CA ASP B 120 -39.16 -30.72 6.98
C ASP B 120 -38.86 -32.00 6.21
N PHE B 121 -39.14 -32.05 4.91
CA PHE B 121 -38.84 -33.25 4.13
C PHE B 121 -37.52 -33.15 3.38
N GLN B 122 -36.84 -32.01 3.42
CA GLN B 122 -35.51 -31.91 2.82
C GLN B 122 -34.45 -32.28 3.86
N TYR B 123 -34.37 -33.59 4.09
CA TYR B 123 -33.51 -34.12 5.15
C TYR B 123 -32.03 -33.95 4.82
N GLU B 124 -31.66 -34.17 3.56
CA GLU B 124 -30.25 -34.01 3.18
C GLU B 124 -29.81 -32.58 3.32
N SER B 125 -30.63 -31.62 2.87
CA SER B 125 -30.31 -30.21 3.06
C SER B 125 -30.18 -29.87 4.54
N LYS B 126 -31.16 -30.28 5.34
CA LYS B 126 -31.13 -29.97 6.78
C LYS B 126 -29.86 -30.51 7.42
N VAL B 127 -29.56 -31.79 7.20
CA VAL B 127 -28.38 -32.40 7.80
C VAL B 127 -27.12 -31.67 7.33
N PHE B 128 -27.05 -31.37 6.03
CA PHE B 128 -25.88 -30.71 5.49
C PHE B 128 -25.65 -29.37 6.17
N TYR B 129 -26.72 -28.57 6.31
CA TYR B 129 -26.59 -27.22 6.83
C TYR B 129 -26.37 -27.22 8.34
N LEU B 130 -27.00 -28.15 9.05
CA LEU B 130 -26.81 -28.24 10.50
C LEU B 130 -25.43 -28.79 10.86
N LYS B 131 -24.92 -29.77 10.08
CA LYS B 131 -23.52 -30.17 10.21
C LYS B 131 -22.58 -28.99 9.99
N MET B 132 -22.84 -28.20 8.95
CA MET B 132 -21.97 -27.07 8.67
C MET B 132 -22.07 -26.01 9.78
N LYS B 133 -23.25 -25.83 10.37
CA LYS B 133 -23.36 -24.94 11.53
C LYS B 133 -22.54 -25.48 12.70
N GLY B 134 -22.55 -26.80 12.90
CA GLY B 134 -21.72 -27.38 13.93
C GLY B 134 -20.24 -27.13 13.66
N ASP B 135 -19.83 -27.27 12.39
CA ASP B 135 -18.44 -27.10 12.00
C ASP B 135 -17.94 -25.69 12.31
N TYR B 136 -18.70 -24.67 11.89
CA TYR B 136 -18.21 -23.30 12.01
C TYR B 136 -18.32 -22.78 13.44
N TYR B 137 -19.27 -23.27 14.24
CA TYR B 137 -19.18 -23.02 15.68
C TYR B 137 -17.96 -23.72 16.27
N ARG B 138 -17.63 -24.93 15.80
CA ARG B 138 -16.45 -25.63 16.32
C ARG B 138 -15.17 -24.87 15.99
N TYR B 139 -15.08 -24.29 14.79
CA TYR B 139 -13.91 -23.46 14.49
C TYR B 139 -13.86 -22.24 15.40
N LEU B 140 -15.01 -21.70 15.80
CA LEU B 140 -15.01 -20.58 16.74
C LEU B 140 -14.49 -21.03 18.10
N ALA B 141 -14.91 -22.22 18.53
CA ALA B 141 -14.46 -22.80 19.80
C ALA B 141 -12.96 -23.02 19.85
N GLU B 142 -12.35 -23.38 18.71
CA GLU B 142 -10.91 -23.63 18.64
C GLU B 142 -10.09 -22.43 19.07
N VAL B 143 -10.61 -21.23 18.89
CA VAL B 143 -9.84 -20.02 19.22
C VAL B 143 -10.41 -19.28 20.42
N ALA B 144 -11.47 -19.79 21.02
CA ALA B 144 -12.06 -19.10 22.16
C ALA B 144 -11.54 -19.73 23.45
N SER B 145 -11.70 -18.98 24.54
CA SER B 145 -11.50 -19.51 25.88
C SER B 145 -12.65 -19.05 26.78
N GLY B 146 -12.74 -19.65 27.97
CA GLY B 146 -13.64 -19.11 28.98
C GLY B 146 -15.11 -19.21 28.61
N GLU B 147 -15.89 -18.20 29.02
CA GLU B 147 -17.32 -18.24 28.75
C GLU B 147 -17.64 -18.02 27.27
N LYS B 148 -16.78 -17.32 26.55
CA LYS B 148 -16.99 -17.21 25.11
C LYS B 148 -16.91 -18.57 24.45
N LYS B 149 -15.96 -19.39 24.90
CA LYS B 149 -15.80 -20.72 24.34
C LYS B 149 -17.02 -21.59 24.66
N ASN B 150 -17.47 -21.56 25.92
CA ASN B 150 -18.60 -22.38 26.31
C ASN B 150 -19.81 -22.10 25.47
N SER B 151 -20.01 -20.83 25.07
CA SER B 151 -21.18 -20.47 24.28
C SER B 151 -21.15 -21.15 22.90
N VAL B 152 -20.05 -21.02 22.17
CA VAL B 152 -19.98 -21.62 20.83
C VAL B 152 -19.85 -23.14 20.90
N VAL B 153 -19.32 -23.67 22.00
CA VAL B 153 -19.27 -25.12 22.17
C VAL B 153 -20.69 -25.68 22.30
N GLU B 154 -21.52 -25.03 23.13
CA GLU B 154 -22.91 -25.45 23.26
C GLU B 154 -23.65 -25.32 21.93
N ALA B 155 -23.42 -24.22 21.22
CA ALA B 155 -24.05 -24.06 19.91
C ALA B 155 -23.57 -25.14 18.92
N SER B 156 -22.28 -25.49 18.97
CA SER B 156 -21.77 -26.54 18.07
C SER B 156 -22.44 -27.88 18.36
N GLU B 157 -22.43 -28.30 19.63
CA GLU B 157 -23.00 -29.59 19.98
C GLU B 157 -24.48 -29.68 19.63
N ALA B 158 -25.25 -28.61 19.92
CA ALA B 158 -26.68 -28.62 19.65
C ALA B 158 -26.95 -28.81 18.17
N ALA B 159 -26.18 -28.12 17.32
CA ALA B 159 -26.32 -28.26 15.87
C ALA B 159 -25.95 -29.67 15.42
N TYR B 160 -24.81 -30.18 15.90
CA TYR B 160 -24.38 -31.53 15.55
C TYR B 160 -25.41 -32.57 16.00
N LYS B 161 -25.92 -32.42 17.22
CA LYS B 161 -26.89 -33.36 17.76
C LYS B 161 -28.15 -33.42 16.89
N GLU B 162 -28.70 -32.27 16.51
CA GLU B 162 -29.91 -32.32 15.69
C GLU B 162 -29.59 -32.87 14.31
N ALA B 163 -28.45 -32.48 13.74
CA ALA B 163 -28.04 -33.06 12.46
C ALA B 163 -28.00 -34.58 12.54
N PHE B 164 -27.41 -35.11 13.61
CA PHE B 164 -27.20 -36.55 13.68
C PHE B 164 -28.52 -37.28 13.88
N GLU B 165 -29.43 -36.74 14.69
CA GLU B 165 -30.73 -37.39 14.87
C GLU B 165 -31.48 -37.45 13.55
N ILE B 166 -31.47 -36.37 12.77
CA ILE B 166 -32.14 -36.40 11.48
C ILE B 166 -31.46 -37.40 10.55
N SER B 167 -30.12 -37.40 10.55
CA SER B 167 -29.39 -38.30 9.65
C SER B 167 -29.65 -39.75 10.01
N LYS B 168 -29.69 -40.07 11.30
CA LYS B 168 -29.99 -41.43 11.72
C LYS B 168 -31.39 -41.86 11.28
N GLU B 169 -32.35 -40.93 11.32
CA GLU B 169 -33.73 -41.28 11.02
C GLU B 169 -34.04 -41.26 9.53
N HIS B 170 -33.22 -40.60 8.70
CA HIS B 170 -33.57 -40.45 7.29
C HIS B 170 -32.45 -40.76 6.31
N MET B 171 -31.30 -41.23 6.77
CA MET B 171 -30.17 -41.49 5.87
C MET B 171 -29.55 -42.84 6.17
N GLN B 172 -29.09 -43.52 5.11
CA GLN B 172 -28.40 -44.78 5.29
C GLN B 172 -27.03 -44.56 5.93
N PRO B 173 -26.56 -45.51 6.74
CA PRO B 173 -25.24 -45.40 7.39
C PRO B 173 -24.08 -45.12 6.44
N THR B 174 -24.24 -45.46 5.16
CA THR B 174 -23.20 -45.29 4.16
C THR B 174 -23.21 -43.91 3.50
N HIS B 175 -24.27 -43.14 3.70
CA HIS B 175 -24.39 -41.85 3.04
C HIS B 175 -23.18 -40.98 3.39
N PRO B 176 -22.46 -40.46 2.41
CA PRO B 176 -21.26 -39.66 2.74
C PRO B 176 -21.53 -38.50 3.67
N ILE B 177 -22.68 -37.82 3.54
CA ILE B 177 -22.97 -36.70 4.42
C ILE B 177 -23.16 -37.17 5.86
N ARG B 178 -23.90 -38.27 6.06
CA ARG B 178 -24.05 -38.79 7.41
C ARG B 178 -22.71 -39.29 7.96
N LEU B 179 -21.90 -39.95 7.13
CA LEU B 179 -20.57 -40.36 7.58
C LEU B 179 -19.69 -39.16 7.89
N GLY B 180 -19.73 -38.13 7.06
CA GLY B 180 -18.91 -36.95 7.32
C GLY B 180 -19.31 -36.26 8.60
N LEU B 181 -20.59 -36.35 8.97
CA LEU B 181 -21.11 -35.71 10.17
C LEU B 181 -20.70 -36.47 11.42
N ALA B 182 -20.82 -37.80 11.38
CA ALA B 182 -20.29 -38.64 12.45
C ALA B 182 -18.81 -38.37 12.69
N LEU B 183 -18.03 -38.32 11.61
CA LEU B 183 -16.60 -37.99 11.72
C LEU B 183 -16.40 -36.66 12.44
N ASN B 184 -17.02 -35.59 11.93
CA ASN B 184 -16.74 -34.27 12.49
C ASN B 184 -17.31 -34.14 13.90
N PHE B 185 -18.46 -34.77 14.16
CA PHE B 185 -19.02 -34.78 15.52
C PHE B 185 -18.09 -35.52 16.49
N SER B 186 -17.53 -36.67 16.07
CA SER B 186 -16.57 -37.34 16.95
C SER B 186 -15.32 -36.48 17.14
N VAL B 187 -14.84 -35.82 16.09
CA VAL B 187 -13.73 -34.88 16.25
C VAL B 187 -14.10 -33.79 17.27
N PHE B 188 -15.33 -33.28 17.23
CA PHE B 188 -15.79 -32.30 18.22
C PHE B 188 -15.62 -32.82 19.64
N TYR B 189 -16.11 -34.04 19.91
CA TYR B 189 -15.97 -34.61 21.25
C TYR B 189 -14.50 -34.75 21.63
N TYR B 190 -13.66 -35.20 20.70
CA TYR B 190 -12.28 -35.46 21.05
C TYR B 190 -11.48 -34.16 21.18
N GLU B 191 -11.56 -33.28 20.17
CA GLU B 191 -10.68 -32.12 20.15
C GLU B 191 -11.23 -30.96 20.98
N ILE B 192 -12.55 -30.77 20.99
CA ILE B 192 -13.13 -29.60 21.64
C ILE B 192 -13.52 -29.90 23.08
N GLN B 193 -14.21 -31.02 23.30
CA GLN B 193 -14.70 -31.41 24.62
C GLN B 193 -13.69 -32.21 25.42
N ASN B 194 -12.60 -32.65 24.79
CA ASN B 194 -11.63 -33.56 25.42
C ASN B 194 -12.35 -34.76 26.02
N ALA B 195 -13.33 -35.29 25.29
CA ALA B 195 -14.12 -36.45 25.72
C ALA B 195 -13.78 -37.63 24.82
N PRO B 196 -12.63 -38.28 25.04
CA PRO B 196 -12.21 -39.33 24.10
C PRO B 196 -13.15 -40.52 24.05
N GLU B 197 -13.73 -40.91 25.19
CA GLU B 197 -14.59 -42.09 25.18
C GLU B 197 -15.86 -41.84 24.37
N GLN B 198 -16.50 -40.69 24.61
CA GLN B 198 -17.65 -40.29 23.80
C GLN B 198 -17.28 -40.23 22.32
N ALA B 199 -16.11 -39.68 22.01
CA ALA B 199 -15.69 -39.51 20.61
C ALA B 199 -15.50 -40.88 19.95
N CYS B 200 -14.79 -41.78 20.63
CA CYS B 200 -14.55 -43.11 20.08
C CYS B 200 -15.84 -43.89 19.94
N LEU B 201 -16.72 -43.80 20.94
CA LEU B 201 -18.01 -44.49 20.84
C LEU B 201 -18.76 -44.07 19.59
N LEU B 202 -18.76 -42.76 19.28
CA LEU B 202 -19.49 -42.25 18.13
C LEU B 202 -18.85 -42.74 16.83
N ALA B 203 -17.55 -42.49 16.68
CA ALA B 203 -16.86 -42.88 15.46
C ALA B 203 -16.97 -44.37 15.21
N LYS B 204 -16.89 -45.19 16.26
CA LYS B 204 -16.95 -46.64 16.09
C LYS B 204 -18.35 -47.11 15.72
N GLN B 205 -19.38 -46.49 16.29
CA GLN B 205 -20.74 -46.82 15.88
C GLN B 205 -20.97 -46.48 14.42
N ALA B 206 -20.50 -45.30 13.98
CA ALA B 206 -20.68 -44.89 12.60
C ALA B 206 -19.97 -45.83 11.63
N PHE B 207 -18.74 -46.22 11.97
CA PHE B 207 -17.99 -47.12 11.10
C PHE B 207 -18.67 -48.48 11.00
N ASP B 208 -19.06 -49.06 12.13
CA ASP B 208 -19.67 -50.39 12.12
C ASP B 208 -21.02 -50.37 11.40
N ASP B 209 -21.81 -49.32 11.58
CA ASP B 209 -23.10 -49.24 10.87
C ASP B 209 -22.90 -49.14 9.37
N ALA B 210 -21.83 -48.48 8.92
CA ALA B 210 -21.64 -48.33 7.48
C ALA B 210 -21.07 -49.59 6.84
N ILE B 211 -20.09 -50.21 7.48
CA ILE B 211 -19.36 -51.28 6.79
C ILE B 211 -20.27 -52.49 6.57
N ALA B 212 -21.28 -52.67 7.41
CA ALA B 212 -22.19 -53.80 7.24
C ALA B 212 -23.01 -53.69 5.96
N GLU B 213 -23.21 -52.47 5.45
CA GLU B 213 -24.04 -52.24 4.28
C GLU B 213 -23.24 -51.77 3.09
N LEU B 214 -21.91 -51.70 3.23
CA LEU B 214 -21.04 -51.22 2.17
C LEU B 214 -21.14 -52.07 0.91
N ASP B 215 -21.36 -53.37 1.06
CA ASP B 215 -21.34 -54.30 -0.07
C ASP B 215 -22.45 -54.03 -1.08
N THR B 216 -23.37 -53.12 -0.77
CA THR B 216 -24.54 -52.88 -1.59
C THR B 216 -24.43 -51.61 -2.44
N LEU B 217 -23.24 -51.03 -2.55
CA LEU B 217 -23.04 -49.76 -3.25
C LEU B 217 -22.43 -49.97 -4.63
N ASN B 218 -22.80 -49.09 -5.56
CA ASN B 218 -22.15 -49.05 -6.86
C ASN B 218 -20.72 -48.56 -6.69
N GLU B 219 -19.95 -48.60 -7.78
CA GLU B 219 -18.53 -48.24 -7.68
C GLU B 219 -18.33 -46.83 -7.13
N ASP B 220 -19.03 -45.84 -7.72
CA ASP B 220 -18.81 -44.45 -7.34
C ASP B 220 -19.21 -44.19 -5.90
N SER B 221 -20.38 -44.70 -5.48
CA SER B 221 -20.84 -44.47 -4.12
C SER B 221 -19.92 -45.13 -3.10
N TYR B 222 -19.28 -46.23 -3.48
CA TYR B 222 -18.37 -46.94 -2.59
C TYR B 222 -17.11 -46.13 -2.32
N LYS B 223 -16.56 -45.49 -3.35
CA LYS B 223 -15.35 -44.67 -3.17
C LYS B 223 -15.59 -43.54 -2.18
N ASP B 224 -16.74 -42.87 -2.29
CA ASP B 224 -17.05 -41.75 -1.40
C ASP B 224 -17.13 -42.21 0.06
N SER B 225 -17.89 -43.27 0.31
CA SER B 225 -18.11 -43.71 1.69
C SER B 225 -16.85 -44.28 2.32
N THR B 226 -16.07 -45.06 1.58
CA THR B 226 -14.90 -45.69 2.20
C THR B 226 -13.82 -44.66 2.54
N LEU B 227 -13.64 -43.65 1.68
CA LEU B 227 -12.70 -42.58 2.01
C LEU B 227 -13.00 -42.02 3.40
N ILE B 228 -14.28 -41.76 3.69
CA ILE B 228 -14.62 -41.18 4.99
C ILE B 228 -14.48 -42.23 6.09
N MET B 229 -14.82 -43.49 5.79
CA MET B 229 -14.69 -44.53 6.79
C MET B 229 -13.25 -44.79 7.17
N GLN B 230 -12.33 -44.64 6.22
CA GLN B 230 -10.91 -44.78 6.55
C GLN B 230 -10.46 -43.69 7.52
N LEU B 231 -11.01 -42.48 7.38
CA LEU B 231 -10.67 -41.41 8.33
C LEU B 231 -11.23 -41.70 9.72
N LEU B 232 -12.45 -42.22 9.79
CA LEU B 232 -12.97 -42.67 11.08
C LEU B 232 -12.04 -43.68 11.70
N ARG B 233 -11.63 -44.68 10.91
CA ARG B 233 -10.75 -45.73 11.42
C ARG B 233 -9.40 -45.17 11.87
N ASP B 234 -8.85 -44.20 11.14
CA ASP B 234 -7.57 -43.61 11.55
C ASP B 234 -7.69 -42.85 12.86
N ASN B 235 -8.71 -42.00 12.98
CA ASN B 235 -8.92 -41.27 14.23
C ASN B 235 -9.09 -42.22 15.40
N LEU B 236 -9.90 -43.28 15.24
CA LEU B 236 -10.08 -44.24 16.31
C LEU B 236 -8.75 -44.85 16.75
N THR B 237 -7.90 -45.20 15.79
CA THR B 237 -6.59 -45.75 16.16
C THR B 237 -5.74 -44.72 16.89
N LEU B 238 -5.70 -43.49 16.39
CA LEU B 238 -4.91 -42.45 17.02
C LEU B 238 -5.46 -42.09 18.40
N TRP B 239 -6.78 -41.99 18.52
CA TRP B 239 -7.38 -41.51 19.76
C TRP B 239 -7.26 -42.53 20.89
N THR B 240 -7.38 -43.83 20.58
CA THR B 240 -7.25 -44.83 21.64
C THR B 240 -5.80 -45.01 22.09
N SER B 241 -4.83 -44.63 21.26
CA SER B 241 -3.42 -44.72 21.64
C SER B 241 -2.96 -43.53 22.50
N ASP B 242 -3.70 -42.42 22.48
CA ASP B 242 -3.35 -41.22 23.25
C ASP B 242 -1.96 -40.69 22.90
N PHE C 6 19.66 21.33 -29.30
CA PHE C 6 19.38 20.11 -28.55
C PHE C 6 19.66 20.30 -27.06
N MET C 7 18.78 19.75 -26.23
CA MET C 7 18.87 19.87 -24.78
C MET C 7 19.75 18.72 -24.24
N GLY C 8 20.90 19.06 -23.69
CA GLY C 8 21.78 18.07 -23.10
C GLY C 8 21.24 17.50 -21.80
N ASP C 9 22.04 16.58 -21.23
CA ASP C 9 21.60 15.82 -20.06
C ASP C 9 21.50 16.71 -18.82
N ARG C 10 22.51 17.55 -18.59
CA ARG C 10 22.48 18.46 -17.46
C ARG C 10 21.28 19.39 -17.54
N GLU C 11 20.98 19.90 -18.74
CA GLU C 11 19.85 20.80 -18.89
C GLU C 11 18.51 20.07 -18.71
N GLN C 12 18.46 18.79 -19.04
CA GLN C 12 17.23 18.02 -18.79
C GLN C 12 16.98 17.86 -17.30
N LEU C 13 18.05 17.72 -16.51
CA LEU C 13 17.88 17.65 -15.06
C LEU C 13 17.45 19.01 -14.50
N LEU C 14 18.04 20.10 -14.98
CA LEU C 14 17.60 21.43 -14.57
C LEU C 14 16.15 21.67 -14.98
N GLN C 15 15.75 21.18 -16.16
CA GLN C 15 14.34 21.32 -16.56
C GLN C 15 13.43 20.54 -15.62
N ARG C 16 13.82 19.31 -15.24
CA ARG C 16 13.03 18.55 -14.27
C ARG C 16 12.88 19.33 -12.97
N ALA C 17 13.95 19.92 -12.48
CA ALA C 17 13.81 20.60 -11.21
C ALA C 17 12.98 21.86 -11.31
N ARG C 18 13.03 22.57 -12.42
CA ARG C 18 12.18 23.75 -12.55
C ARG C 18 10.71 23.36 -12.70
N LEU C 19 10.43 22.27 -13.40
CA LEU C 19 9.05 21.77 -13.47
C LEU C 19 8.58 21.27 -12.11
N ALA C 20 9.43 20.53 -11.41
CA ALA C 20 9.08 20.08 -10.07
C ALA C 20 8.78 21.26 -9.15
N GLU C 21 9.59 22.31 -9.22
CA GLU C 21 9.32 23.51 -8.43
C GLU C 21 7.94 24.08 -8.72
N GLN C 22 7.57 24.18 -10.00
CA GLN C 22 6.28 24.78 -10.34
C GLN C 22 5.13 23.91 -9.86
N ALA C 23 5.31 22.58 -9.86
CA ALA C 23 4.31 21.64 -9.37
C ALA C 23 4.38 21.45 -7.86
N GLU C 24 5.29 22.14 -7.18
CA GLU C 24 5.46 22.02 -5.73
C GLU C 24 5.73 20.57 -5.33
N ARG C 25 6.61 19.94 -6.11
CA ARG C 25 7.04 18.55 -5.90
C ARG C 25 8.52 18.61 -5.57
N TYR C 26 8.80 18.91 -4.30
CA TYR C 26 10.13 19.29 -3.87
C TYR C 26 11.04 18.10 -3.66
N ASP C 27 10.51 16.91 -3.34
CA ASP C 27 11.33 15.70 -3.39
C ASP C 27 11.87 15.48 -4.80
N ASP C 28 10.99 15.63 -5.80
CA ASP C 28 11.44 15.55 -7.21
C ASP C 28 12.48 16.61 -7.52
N MET C 29 12.24 17.85 -7.10
CA MET C 29 13.21 18.93 -7.31
C MET C 29 14.56 18.59 -6.69
N ALA C 30 14.55 18.16 -5.42
CA ALA C 30 15.78 17.91 -4.72
C ALA C 30 16.55 16.77 -5.36
N SER C 31 15.84 15.74 -5.80
CA SER C 31 16.49 14.63 -6.49
C SER C 31 17.13 15.10 -7.79
N ALA C 32 16.49 16.02 -8.50
CA ALA C 32 17.09 16.50 -9.75
C ALA C 32 18.32 17.34 -9.47
N MET C 33 18.26 18.21 -8.46
CA MET C 33 19.39 19.04 -8.11
C MET C 33 20.54 18.25 -7.51
N LYS C 34 20.23 17.24 -6.74
CA LYS C 34 21.26 16.31 -6.27
C LYS C 34 21.99 15.68 -7.45
N ALA C 35 21.24 15.26 -8.48
CA ALA C 35 21.89 14.64 -9.62
C ALA C 35 22.73 15.67 -10.39
N VAL C 36 22.24 16.90 -10.54
CA VAL C 36 23.06 17.94 -11.18
C VAL C 36 24.39 18.09 -10.44
N THR C 37 24.33 18.16 -9.11
CA THR C 37 25.54 18.36 -8.33
C THR C 37 26.52 17.21 -8.52
N GLU C 38 26.02 15.98 -8.60
CA GLU C 38 26.89 14.81 -8.69
C GLU C 38 27.51 14.64 -10.07
N LEU C 39 27.09 15.44 -11.05
CA LEU C 39 27.85 15.52 -12.30
C LEU C 39 29.24 16.10 -12.11
N ASN C 40 29.54 16.67 -10.94
CA ASN C 40 30.87 17.17 -10.60
C ASN C 40 31.25 18.39 -11.41
N GLU C 41 30.23 19.12 -11.98
CA GLU C 41 30.42 20.41 -12.62
C GLU C 41 29.88 21.51 -11.70
N PRO C 42 30.46 22.69 -11.72
CA PRO C 42 30.03 23.74 -10.80
C PRO C 42 28.61 24.20 -11.09
N LEU C 43 27.99 24.78 -10.08
CA LEU C 43 26.64 25.32 -10.23
C LEU C 43 26.69 26.82 -10.43
N SER C 44 25.90 27.31 -11.38
CA SER C 44 25.70 28.73 -11.55
C SER C 44 24.92 29.31 -10.37
N ASN C 45 24.84 30.64 -10.36
CA ASN C 45 24.01 31.36 -9.39
C ASN C 45 22.58 30.81 -9.37
N GLU C 46 21.99 30.62 -10.55
CA GLU C 46 20.64 30.08 -10.64
C GLU C 46 20.57 28.65 -10.14
N ASP C 47 21.55 27.83 -10.53
CA ASP C 47 21.60 26.43 -10.11
C ASP C 47 21.70 26.32 -8.59
N ARG C 48 22.54 27.14 -7.97
CA ARG C 48 22.64 27.12 -6.51
C ARG C 48 21.29 27.45 -5.86
N ASN C 49 20.59 28.44 -6.40
N ASN C 49 20.59 28.44 -6.41
CA ASN C 49 19.30 28.81 -5.84
CA ASN C 49 19.28 28.81 -5.85
C ASN C 49 18.29 27.68 -5.98
C ASN C 49 18.28 27.67 -5.98
N LEU C 50 18.29 26.97 -7.11
CA LEU C 50 17.40 25.82 -7.26
C LEU C 50 17.75 24.73 -6.27
N LEU C 51 19.04 24.45 -6.10
CA LEU C 51 19.47 23.50 -5.06
C LEU C 51 18.97 23.93 -3.69
N SER C 52 19.17 25.19 -3.35
CA SER C 52 18.78 25.66 -2.01
C SER C 52 17.28 25.64 -1.82
N VAL C 53 16.51 26.09 -2.82
CA VAL C 53 15.05 26.09 -2.72
C VAL C 53 14.52 24.67 -2.53
N ALA C 54 15.05 23.70 -3.28
CA ALA C 54 14.56 22.32 -3.21
C ALA C 54 14.75 21.75 -1.82
N TYR C 55 15.97 21.84 -1.27
CA TYR C 55 16.22 21.22 0.04
C TYR C 55 15.61 22.02 1.18
N LYS C 56 15.49 23.34 1.04
CA LYS C 56 14.82 24.13 2.06
C LYS C 56 13.38 23.68 2.24
N ASN C 57 12.69 23.37 1.13
CA ASN C 57 11.31 22.94 1.21
C ASN C 57 11.20 21.51 1.73
N VAL C 58 12.12 20.62 1.29
CA VAL C 58 12.08 19.24 1.75
C VAL C 58 12.40 19.16 3.25
N VAL C 59 13.53 19.75 3.66
CA VAL C 59 13.83 19.70 5.09
C VAL C 59 12.81 20.50 5.88
N GLY C 60 12.26 21.57 5.30
CA GLY C 60 11.30 22.40 6.02
C GLY C 60 10.02 21.66 6.34
N ALA C 61 9.53 20.86 5.39
CA ALA C 61 8.37 20.02 5.66
C ALA C 61 8.66 19.04 6.80
N ARG C 62 9.84 18.42 6.83
CA ARG C 62 10.15 17.48 7.92
C ARG C 62 10.29 18.20 9.26
N ARG C 63 10.92 19.38 9.27
CA ARG C 63 11.08 20.16 10.51
C ARG C 63 9.74 20.55 11.09
N SER C 64 8.81 20.98 10.23
CA SER C 64 7.49 21.37 10.70
C SER C 64 6.76 20.16 11.30
N SER C 65 6.78 19.04 10.60
CA SER C 65 6.13 17.85 11.14
C SER C 65 6.78 17.41 12.46
N TRP C 66 8.10 17.49 12.53
CA TRP C 66 8.82 17.06 13.73
C TRP C 66 8.44 17.91 14.94
N ARG C 67 8.34 19.23 14.75
CA ARG C 67 7.96 20.09 15.88
C ARG C 67 6.56 19.77 16.37
N VAL C 68 5.62 19.52 15.45
CA VAL C 68 4.25 19.18 15.87
C VAL C 68 4.24 17.86 16.66
N ILE C 69 4.89 16.81 16.12
CA ILE C 69 4.83 15.51 16.79
C ILE C 69 5.66 15.50 18.07
N SER C 70 6.76 16.24 18.08
CA SER C 70 7.56 16.36 19.31
C SER C 70 6.76 17.06 20.40
N SER C 71 6.02 18.10 20.03
CA SER C 71 5.16 18.77 21.01
C SER C 71 4.07 17.83 21.53
N ILE C 72 3.48 17.01 20.66
CA ILE C 72 2.52 16.01 21.14
C ILE C 72 3.18 14.98 22.04
N GLU C 73 4.44 14.63 21.75
CA GLU C 73 5.18 13.68 22.56
C GLU C 73 5.44 14.21 23.98
N GLN C 74 5.86 15.47 24.09
CA GLN C 74 6.09 16.07 25.40
C GLN C 74 4.81 16.04 26.22
N LYS C 75 3.69 16.43 25.61
CA LYS C 75 2.41 16.48 26.32
C LYS C 75 1.94 15.08 26.71
N THR C 76 2.22 14.08 25.86
CA THR C 76 1.83 12.71 26.18
C THR C 76 2.64 12.19 27.36
N MET C 77 3.92 12.54 27.42
CA MET C 77 4.80 12.08 28.48
C MET C 77 4.40 12.69 29.81
N ALA C 78 4.07 13.99 29.82
CA ALA C 78 3.65 14.64 31.05
C ALA C 78 2.38 14.01 31.61
N ASP C 79 1.44 13.64 30.74
CA ASP C 79 0.23 12.95 31.17
C ASP C 79 0.50 11.50 31.56
N GLY C 80 1.72 10.99 31.39
CA GLY C 80 2.02 9.61 31.75
C GLY C 80 1.26 8.56 30.98
N ASN C 81 0.78 8.86 29.78
CA ASN C 81 0.10 7.87 28.95
C ASN C 81 1.18 7.05 28.25
N GLU C 82 1.66 6.00 28.92
CA GLU C 82 2.88 5.33 28.46
C GLU C 82 2.65 4.59 27.15
N LYS C 83 1.47 3.99 26.97
CA LYS C 83 1.22 3.22 25.76
C LYS C 83 1.07 4.14 24.57
N LYS C 84 0.42 5.29 24.74
CA LYS C 84 0.34 6.25 23.65
C LYS C 84 1.70 6.87 23.38
N LEU C 85 2.50 7.10 24.42
CA LEU C 85 3.77 7.77 24.21
C LEU C 85 4.70 6.93 23.33
N GLU C 86 4.67 5.61 23.51
CA GLU C 86 5.46 4.73 22.67
C GLU C 86 5.11 4.91 21.19
N LYS C 87 3.83 5.08 20.87
CA LYS C 87 3.40 5.23 19.49
C LYS C 87 3.80 6.60 18.93
N VAL C 88 3.68 7.65 19.75
CA VAL C 88 4.09 8.99 19.33
C VAL C 88 5.60 9.04 19.11
N LYS C 89 6.37 8.49 20.06
CA LYS C 89 7.81 8.46 19.93
C LYS C 89 8.24 7.77 18.64
N ALA C 90 7.60 6.65 18.32
CA ALA C 90 7.95 5.93 17.10
C ALA C 90 7.75 6.81 15.87
N TYR C 91 6.69 7.62 15.85
CA TYR C 91 6.44 8.46 14.69
C TYR C 91 7.40 9.64 14.64
N ARG C 92 7.67 10.24 15.80
CA ARG C 92 8.61 11.35 15.86
C ARG C 92 10.00 10.89 15.42
N GLU C 93 10.41 9.68 15.83
CA GLU C 93 11.69 9.12 15.39
C GLU C 93 11.69 8.79 13.90
N LYS C 94 10.56 8.36 13.35
CA LYS C 94 10.47 8.15 11.91
C LYS C 94 10.74 9.45 11.16
N ILE C 95 10.06 10.54 11.57
CA ILE C 95 10.24 11.84 10.94
C ILE C 95 11.65 12.37 11.14
N GLU C 96 12.18 12.20 12.35
CA GLU C 96 13.54 12.63 12.68
C GLU C 96 14.57 11.99 11.75
N LYS C 97 14.44 10.69 11.50
CA LYS C 97 15.39 9.99 10.63
C LYS C 97 15.30 10.50 9.20
N GLU C 98 14.10 10.77 8.70
CA GLU C 98 13.96 11.40 7.39
C GLU C 98 14.67 12.74 7.37
N LEU C 99 14.43 13.54 8.40
CA LEU C 99 15.06 14.86 8.51
C LEU C 99 16.58 14.73 8.48
N GLU C 100 17.11 13.80 9.27
CA GLU C 100 18.56 13.64 9.33
C GLU C 100 19.12 13.18 8.00
N THR C 101 18.42 12.28 7.29
CA THR C 101 18.89 11.82 5.99
C THR C 101 18.90 12.95 4.95
N VAL C 102 17.87 13.80 4.95
CA VAL C 102 17.88 14.99 4.09
C VAL C 102 19.12 15.83 4.41
N CYS C 103 19.32 16.13 5.70
CA CYS C 103 20.49 16.92 6.12
C CYS C 103 21.79 16.25 5.71
N ASN C 104 21.94 14.95 5.98
CA ASN C 104 23.19 14.27 5.63
C ASN C 104 23.42 14.26 4.12
N ASP C 105 22.36 14.13 3.33
CA ASP C 105 22.53 14.20 1.87
C ASP C 105 23.08 15.55 1.43
N VAL C 106 22.48 16.64 1.93
CA VAL C 106 22.94 17.99 1.59
C VAL C 106 24.39 18.18 1.99
N LEU C 107 24.73 17.78 3.22
CA LEU C 107 26.09 17.94 3.71
C LEU C 107 27.08 17.13 2.88
N ALA C 108 26.68 15.92 2.47
CA ALA C 108 27.54 15.13 1.60
C ALA C 108 27.77 15.85 0.26
N LEU C 109 26.72 16.46 -0.31
CA LEU C 109 26.89 17.20 -1.57
C LEU C 109 27.85 18.36 -1.37
N LEU C 110 27.72 19.06 -0.24
CA LEU C 110 28.60 20.18 0.06
C LEU C 110 30.06 19.71 0.21
N ASP C 111 30.28 18.64 0.95
CA ASP C 111 31.65 18.19 1.23
C ASP C 111 32.27 17.45 0.05
N LYS C 112 31.48 16.67 -0.69
CA LYS C 112 32.04 15.89 -1.78
C LYS C 112 32.15 16.68 -3.06
N PHE C 113 31.31 17.71 -3.25
CA PHE C 113 31.27 18.39 -4.54
C PHE C 113 31.41 19.90 -4.40
N LEU C 114 30.44 20.54 -3.74
CA LEU C 114 30.24 21.98 -3.91
C LEU C 114 31.39 22.77 -3.29
N ILE C 115 31.63 22.58 -1.98
CA ILE C 115 32.76 23.26 -1.34
C ILE C 115 34.08 22.74 -1.88
N LYS C 116 34.17 21.43 -2.09
CA LYS C 116 35.43 20.81 -2.53
C LYS C 116 35.95 21.44 -3.82
N ASN C 117 35.05 21.75 -4.77
CA ASN C 117 35.48 22.25 -6.08
C ASN C 117 35.57 23.77 -6.16
N CYS C 118 35.22 24.50 -5.09
CA CYS C 118 35.45 25.93 -5.09
C CYS C 118 36.94 26.24 -5.12
N ASN C 119 37.32 27.16 -5.99
CA ASN C 119 38.63 27.77 -5.89
C ASN C 119 38.58 28.93 -4.88
N ASP C 120 39.76 29.41 -4.49
CA ASP C 120 39.86 30.38 -3.41
C ASP C 120 39.30 31.75 -3.81
N PHE C 121 39.25 32.06 -5.09
CA PHE C 121 38.68 33.34 -5.53
C PHE C 121 37.18 33.27 -5.74
N GLN C 122 36.56 32.09 -5.61
CA GLN C 122 35.12 31.95 -5.79
C GLN C 122 34.41 32.24 -4.46
N TYR C 123 34.48 33.52 -4.08
CA TYR C 123 34.05 33.94 -2.74
C TYR C 123 32.54 33.80 -2.55
N GLU C 124 31.76 34.16 -3.57
CA GLU C 124 30.31 34.03 -3.44
C GLU C 124 29.91 32.57 -3.29
N SER C 125 30.44 31.72 -4.16
CA SER C 125 30.18 30.29 -4.07
C SER C 125 30.54 29.77 -2.69
N LYS C 126 31.75 30.08 -2.24
CA LYS C 126 32.22 29.59 -0.94
C LYS C 126 31.27 30.01 0.18
N VAL C 127 30.94 31.31 0.26
CA VAL C 127 30.09 31.78 1.35
C VAL C 127 28.73 31.09 1.30
N PHE C 128 28.17 31.00 0.09
CA PHE C 128 26.86 30.38 -0.09
C PHE C 128 26.86 28.95 0.44
N TYR C 129 27.92 28.20 0.13
CA TYR C 129 27.96 26.78 0.47
C TYR C 129 28.32 26.57 1.94
N LEU C 130 29.23 27.38 2.49
CA LEU C 130 29.55 27.29 3.91
C LEU C 130 28.36 27.73 4.77
N LYS C 131 27.61 28.76 4.33
CA LYS C 131 26.37 29.13 5.02
C LYS C 131 25.39 27.97 5.02
N MET C 132 25.24 27.29 3.89
CA MET C 132 24.28 26.22 3.78
C MET C 132 24.72 25.01 4.61
N LYS C 133 26.03 24.80 4.76
CA LYS C 133 26.48 23.74 5.68
C LYS C 133 26.20 24.12 7.13
N GLY C 134 26.34 25.40 7.48
CA GLY C 134 25.94 25.83 8.81
C GLY C 134 24.45 25.63 9.05
N ASP C 135 23.63 25.95 8.03
CA ASP C 135 22.17 25.79 8.13
C ASP C 135 21.78 24.34 8.38
N TYR C 136 22.35 23.41 7.63
CA TYR C 136 21.90 22.02 7.73
C TYR C 136 22.50 21.33 8.94
N TYR C 137 23.69 21.73 9.40
CA TYR C 137 24.11 21.29 10.73
C TYR C 137 23.21 21.89 11.81
N ARG C 138 22.74 23.13 11.62
CA ARG C 138 21.84 23.71 12.61
C ARG C 138 20.51 22.95 12.67
N TYR C 139 20.01 22.49 11.51
CA TYR C 139 18.78 21.70 11.54
C TYR C 139 19.00 20.37 12.26
N LEU C 140 20.19 19.76 12.12
CA LEU C 140 20.47 18.55 12.87
C LEU C 140 20.51 18.84 14.37
N ALA C 141 21.07 19.99 14.75
CA ALA C 141 21.13 20.41 16.15
C ALA C 141 19.74 20.60 16.76
N GLU C 142 18.77 21.05 15.96
CA GLU C 142 17.41 21.27 16.45
C GLU C 142 16.78 19.99 16.98
N VAL C 143 17.12 18.83 16.42
CA VAL C 143 16.52 17.58 16.85
C VAL C 143 17.44 16.74 17.72
N ALA C 144 18.66 17.18 17.96
CA ALA C 144 19.60 16.40 18.76
C ALA C 144 19.61 16.87 20.22
N SER C 145 20.14 16.02 21.08
CA SER C 145 20.48 16.40 22.45
C SER C 145 21.85 15.82 22.80
N GLY C 146 22.35 16.17 23.99
CA GLY C 146 23.55 15.56 24.55
C GLY C 146 24.79 15.75 23.69
N GLU C 147 25.64 14.71 23.67
CA GLU C 147 26.89 14.77 22.91
C GLU C 147 26.64 14.81 21.40
N LYS C 148 25.60 14.10 20.93
CA LYS C 148 25.25 14.19 19.52
C LYS C 148 24.97 15.63 19.13
N LYS C 149 24.23 16.37 19.97
CA LYS C 149 23.94 17.76 19.67
C LYS C 149 25.20 18.61 19.65
N ASN C 150 26.07 18.45 20.65
CA ASN C 150 27.29 19.25 20.73
C ASN C 150 28.16 19.08 19.50
N SER C 151 28.16 17.87 18.92
CA SER C 151 28.93 17.63 17.70
C SER C 151 28.42 18.49 16.53
N VAL C 152 27.12 18.42 16.23
CA VAL C 152 26.63 19.17 15.07
C VAL C 152 26.59 20.68 15.36
N VAL C 153 26.45 21.06 16.62
CA VAL C 153 26.49 22.49 16.97
C VAL C 153 27.87 23.05 16.67
N GLU C 154 28.93 22.31 17.01
CA GLU C 154 30.28 22.77 16.72
C GLU C 154 30.54 22.84 15.23
N ALA C 155 30.05 21.85 14.48
CA ALA C 155 30.17 21.88 13.03
C ALA C 155 29.40 23.07 12.43
N SER C 156 28.22 23.37 12.97
CA SER C 156 27.46 24.50 12.45
C SER C 156 28.20 25.80 12.67
N GLU C 157 28.60 26.05 13.91
CA GLU C 157 29.31 27.29 14.24
C GLU C 157 30.56 27.46 13.38
N ALA C 158 31.35 26.39 13.22
CA ALA C 158 32.60 26.49 12.47
C ALA C 158 32.33 26.86 11.01
N ALA C 159 31.29 26.27 10.43
CA ALA C 159 30.91 26.59 9.06
C ALA C 159 30.45 28.03 8.94
N TYR C 160 29.55 28.46 9.85
CA TYR C 160 29.08 29.84 9.83
C TYR C 160 30.22 30.83 10.02
N LYS C 161 31.14 30.51 10.95
CA LYS C 161 32.24 31.41 11.26
C LYS C 161 33.13 31.62 10.03
N GLU C 162 33.48 30.54 9.33
CA GLU C 162 34.33 30.72 8.15
C GLU C 162 33.58 31.47 7.07
N ALA C 163 32.31 31.12 6.86
CA ALA C 163 31.50 31.85 5.88
C ALA C 163 31.49 33.34 6.19
N PHE C 164 31.35 33.70 7.46
CA PHE C 164 31.20 35.11 7.78
C PHE C 164 32.52 35.85 7.61
N GLU C 165 33.65 35.20 7.94
CA GLU C 165 34.94 35.83 7.73
C GLU C 165 35.18 36.12 6.25
N ILE C 166 34.85 35.17 5.39
CA ILE C 166 35.00 35.41 3.95
C ILE C 166 34.03 36.49 3.50
N SER C 167 32.80 36.48 4.01
CA SER C 167 31.82 37.46 3.57
C SER C 167 32.26 38.87 3.95
N LYS C 168 32.79 39.04 5.17
CA LYS C 168 33.23 40.35 5.61
C LYS C 168 34.38 40.85 4.76
N GLU C 169 35.28 39.95 4.35
CA GLU C 169 36.46 40.33 3.59
C GLU C 169 36.17 40.58 2.12
N HIS C 170 35.10 39.97 1.57
CA HIS C 170 34.93 39.99 0.11
C HIS C 170 33.54 40.35 -0.37
N MET C 171 32.61 40.72 0.50
CA MET C 171 31.27 41.08 0.07
C MET C 171 30.84 42.37 0.73
N GLN C 172 30.09 43.20 -0.02
CA GLN C 172 29.53 44.41 0.54
C GLN C 172 28.50 44.07 1.61
N PRO C 173 28.39 44.91 2.65
CA PRO C 173 27.43 44.61 3.74
C PRO C 173 26.00 44.50 3.30
N THR C 174 25.67 45.04 2.13
CA THR C 174 24.33 45.02 1.56
C THR C 174 24.06 43.75 0.74
N HIS C 175 25.07 42.94 0.48
CA HIS C 175 24.92 41.77 -0.37
C HIS C 175 23.92 40.79 0.27
N PRO C 176 22.88 40.38 -0.44
CA PRO C 176 21.85 39.55 0.19
C PRO C 176 22.37 38.23 0.77
N ILE C 177 23.42 37.63 0.20
CA ILE C 177 23.94 36.39 0.77
C ILE C 177 24.67 36.66 2.09
N ARG C 178 25.44 37.75 2.15
CA ARG C 178 26.07 38.14 3.42
C ARG C 178 25.02 38.51 4.46
N LEU C 179 24.00 39.27 4.07
CA LEU C 179 22.88 39.57 4.98
C LEU C 179 22.19 38.29 5.45
N GLY C 180 21.91 37.37 4.51
CA GLY C 180 21.24 36.14 4.87
C GLY C 180 22.07 35.29 5.82
N LEU C 181 23.39 35.37 5.70
CA LEU C 181 24.29 34.59 6.54
C LEU C 181 24.35 35.16 7.95
N ALA C 182 24.48 36.48 8.05
CA ALA C 182 24.41 37.12 9.36
C ALA C 182 23.09 36.82 10.06
N LEU C 183 21.98 36.84 9.32
CA LEU C 183 20.68 36.53 9.91
C LEU C 183 20.65 35.12 10.47
N ASN C 184 21.01 34.12 9.65
CA ASN C 184 20.94 32.73 10.09
C ASN C 184 21.96 32.44 11.18
N PHE C 185 23.12 33.10 11.12
CA PHE C 185 24.13 32.96 12.16
C PHE C 185 23.63 33.53 13.48
N SER C 186 22.98 34.70 13.45
CA SER C 186 22.41 35.23 14.68
C SER C 186 21.30 34.32 15.20
N VAL C 187 20.49 33.75 14.30
CA VAL C 187 19.48 32.79 14.73
C VAL C 187 20.14 31.57 15.37
N PHE C 188 21.29 31.13 14.84
CA PHE C 188 22.04 30.03 15.47
C PHE C 188 22.38 30.36 16.93
N TYR C 189 22.96 31.54 17.17
CA TYR C 189 23.31 31.92 18.53
C TYR C 189 22.08 31.97 19.42
N TYR C 190 20.97 32.52 18.91
CA TYR C 190 19.81 32.71 19.78
C TYR C 190 19.08 31.40 20.05
N GLU C 191 18.71 30.65 19.01
CA GLU C 191 17.90 29.46 19.23
C GLU C 191 18.71 28.21 19.54
N ILE C 192 19.92 28.08 19.02
CA ILE C 192 20.70 26.87 19.23
C ILE C 192 21.59 26.99 20.47
N GLN C 193 22.31 28.10 20.60
CA GLN C 193 23.24 28.31 21.69
C GLN C 193 22.62 29.01 22.88
N ASN C 194 21.40 29.53 22.74
CA ASN C 194 20.74 30.30 23.79
C ASN C 194 21.63 31.46 24.23
N ALA C 195 22.29 32.10 23.26
CA ALA C 195 23.17 33.22 23.52
C ALA C 195 22.53 34.49 22.98
N PRO C 196 21.55 35.06 23.70
CA PRO C 196 20.86 36.25 23.16
C PRO C 196 21.78 37.41 22.89
N GLU C 197 22.71 37.70 23.80
CA GLU C 197 23.54 38.90 23.64
C GLU C 197 24.45 38.76 22.42
N GLN C 198 25.07 37.60 22.24
CA GLN C 198 25.86 37.36 21.04
C GLN C 198 24.99 37.45 19.79
N ALA C 199 23.77 36.92 19.86
CA ALA C 199 22.86 36.95 18.71
C ALA C 199 22.50 38.38 18.32
N CYS C 200 22.13 39.20 19.31
CA CYS C 200 21.74 40.57 19.03
C CYS C 200 22.93 41.39 18.53
N LEU C 201 24.11 41.16 19.10
CA LEU C 201 25.30 41.89 18.65
C LEU C 201 25.55 41.65 17.17
N LEU C 202 25.44 40.39 16.74
CA LEU C 202 25.71 40.05 15.34
C LEU C 202 24.65 40.65 14.43
N ALA C 203 23.38 40.41 14.76
CA ALA C 203 22.28 40.93 13.95
C ALA C 203 22.32 42.44 13.84
N LYS C 204 22.67 43.13 14.93
CA LYS C 204 22.66 44.61 14.89
C LYS C 204 23.85 45.15 14.12
N GLN C 205 25.03 44.53 14.27
CA GLN C 205 26.17 44.92 13.45
C GLN C 205 25.85 44.77 11.96
N ALA C 206 25.19 43.67 11.59
CA ALA C 206 24.91 43.43 10.18
C ALA C 206 23.91 44.44 9.63
N PHE C 207 22.87 44.76 10.42
CA PHE C 207 21.88 45.74 10.00
C PHE C 207 22.51 47.11 9.82
N ASP C 208 23.30 47.55 10.81
CA ASP C 208 23.94 48.87 10.76
C ASP C 208 24.93 48.95 9.60
N ASP C 209 25.76 47.92 9.41
CA ASP C 209 26.72 47.93 8.31
C ASP C 209 26.03 48.03 6.96
N ALA C 210 24.85 47.43 6.83
CA ALA C 210 24.16 47.44 5.55
C ALA C 210 23.43 48.77 5.33
N ILE C 211 22.71 49.25 6.34
CA ILE C 211 21.82 50.37 6.10
C ILE C 211 22.60 51.62 5.72
N ALA C 212 23.88 51.71 6.09
CA ALA C 212 24.66 52.88 5.75
C ALA C 212 24.99 52.94 4.26
N GLU C 213 25.01 51.80 3.58
CA GLU C 213 25.35 51.72 2.16
C GLU C 213 24.15 51.43 1.27
N LEU C 214 22.94 51.41 1.85
CA LEU C 214 21.75 51.01 1.13
C LEU C 214 21.39 52.01 0.02
N ASP C 215 21.60 53.31 0.29
CA ASP C 215 21.20 54.35 -0.65
C ASP C 215 21.89 54.23 -2.01
N THR C 216 22.93 53.42 -2.11
CA THR C 216 23.72 53.28 -3.32
C THR C 216 23.28 52.09 -4.18
N LEU C 217 22.15 51.46 -3.86
CA LEU C 217 21.65 50.33 -4.63
C LEU C 217 20.60 50.78 -5.65
N ASN C 218 20.46 49.99 -6.71
CA ASN C 218 19.35 50.18 -7.63
C ASN C 218 18.12 49.46 -7.07
N GLU C 219 16.98 49.68 -7.72
CA GLU C 219 15.70 49.30 -7.12
C GLU C 219 15.61 47.80 -6.85
N ASP C 220 16.10 46.98 -7.79
CA ASP C 220 16.05 45.54 -7.62
C ASP C 220 16.92 45.08 -6.45
N SER C 221 18.18 45.53 -6.44
CA SER C 221 19.11 45.11 -5.39
C SER C 221 18.65 45.61 -4.02
N TYR C 222 18.04 46.79 -3.99
CA TYR C 222 17.54 47.35 -2.73
C TYR C 222 16.45 46.45 -2.13
N LYS C 223 15.49 46.01 -2.94
CA LYS C 223 14.41 45.17 -2.43
C LYS C 223 14.94 43.89 -1.82
N ASP C 224 15.92 43.27 -2.48
CA ASP C 224 16.49 42.02 -1.95
C ASP C 224 17.15 42.25 -0.59
N SER C 225 17.92 43.32 -0.46
CA SER C 225 18.64 43.59 0.79
C SER C 225 17.68 43.98 1.91
N THR C 226 16.73 44.88 1.63
CA THR C 226 15.88 45.36 2.72
C THR C 226 14.96 44.27 3.25
N LEU C 227 14.49 43.37 2.38
CA LEU C 227 13.72 42.22 2.83
C LEU C 227 14.44 41.48 3.95
N ILE C 228 15.73 41.19 3.75
CA ILE C 228 16.50 40.50 4.78
C ILE C 228 16.77 41.43 5.96
N MET C 229 16.98 42.71 5.70
CA MET C 229 17.26 43.64 6.79
C MET C 229 16.05 43.81 7.70
N GLN C 230 14.84 43.76 7.13
CA GLN C 230 13.66 43.82 7.98
C GLN C 230 13.58 42.60 8.89
N LEU C 231 14.05 41.43 8.43
CA LEU C 231 14.05 40.24 9.27
C LEU C 231 15.02 40.37 10.43
N LEU C 232 16.24 40.83 10.14
CA LEU C 232 17.17 41.16 11.23
C LEU C 232 16.50 42.06 12.24
N ARG C 233 15.79 43.08 11.76
CA ARG C 233 15.17 44.07 12.64
C ARG C 233 14.09 43.43 13.51
N ASP C 234 13.22 42.61 12.90
CA ASP C 234 12.17 41.95 13.68
C ASP C 234 12.75 41.03 14.75
N ASN C 235 13.78 40.24 14.41
CA ASN C 235 14.38 39.36 15.40
C ASN C 235 14.98 40.16 16.55
N LEU C 236 15.76 41.20 16.24
CA LEU C 236 16.31 42.06 17.27
C LEU C 236 15.26 42.52 18.25
N THR C 237 14.09 42.90 17.75
CA THR C 237 12.99 43.35 18.61
C THR C 237 12.46 42.20 19.46
N LEU C 238 12.12 41.07 18.81
CA LEU C 238 11.60 39.92 19.54
C LEU C 238 12.62 39.42 20.57
N TRP C 239 13.89 39.38 20.19
CA TRP C 239 14.90 38.80 21.06
C TRP C 239 15.19 39.70 22.27
N THR C 240 15.22 41.02 22.07
CA THR C 240 15.46 41.91 23.19
C THR C 240 14.28 41.92 24.16
N SER C 241 13.07 41.68 23.66
CA SER C 241 11.88 41.67 24.52
C SER C 241 11.70 40.33 25.23
N ASP C 242 11.72 39.23 24.48
CA ASP C 242 11.47 37.90 25.05
C ASP C 242 12.55 37.53 26.06
N MET D 7 -2.02 -2.52 22.45
CA MET D 7 -2.97 -2.08 21.45
C MET D 7 -2.88 -2.92 20.18
N GLY D 8 -4.03 -3.31 19.65
CA GLY D 8 -4.08 -4.03 18.40
C GLY D 8 -3.68 -3.18 17.21
N ASP D 9 -3.75 -3.80 16.03
CA ASP D 9 -3.41 -3.12 14.78
C ASP D 9 -4.32 -1.93 14.54
N ARG D 10 -5.62 -2.10 14.81
CA ARG D 10 -6.57 -1.03 14.51
C ARG D 10 -6.22 0.24 15.27
N GLU D 11 -5.95 0.12 16.57
CA GLU D 11 -5.61 1.29 17.37
C GLU D 11 -4.27 1.88 16.97
N GLN D 12 -3.28 1.04 16.68
CA GLN D 12 -2.00 1.54 16.18
C GLN D 12 -2.20 2.38 14.91
N LEU D 13 -2.98 1.86 13.97
CA LEU D 13 -3.13 2.55 12.70
C LEU D 13 -3.92 3.84 12.86
N LEU D 14 -5.02 3.80 13.63
CA LEU D 14 -5.81 5.00 13.85
C LEU D 14 -4.97 6.08 14.51
N GLN D 15 -4.17 5.71 15.52
CA GLN D 15 -3.32 6.69 16.18
C GLN D 15 -2.29 7.28 15.23
N ARG D 16 -1.72 6.43 14.35
CA ARG D 16 -0.78 6.93 13.35
C ARG D 16 -1.46 7.92 12.42
N ALA D 17 -2.68 7.65 12.00
CA ALA D 17 -3.27 8.59 11.06
C ALA D 17 -3.65 9.92 11.68
N ARG D 18 -4.06 9.93 12.94
CA ARG D 18 -4.32 11.20 13.59
C ARG D 18 -3.03 12.00 13.77
N LEU D 19 -1.93 11.33 14.12
CA LEU D 19 -0.63 12.00 14.19
C LEU D 19 -0.25 12.55 12.82
N ALA D 20 -0.37 11.70 11.80
CA ALA D 20 -0.05 12.13 10.44
C ALA D 20 -0.87 13.33 10.02
N GLU D 21 -2.17 13.33 10.39
CA GLU D 21 -2.98 14.51 10.10
C GLU D 21 -2.39 15.75 10.74
N GLN D 22 -2.06 15.66 12.04
CA GLN D 22 -1.54 16.84 12.73
C GLN D 22 -0.21 17.29 12.15
N ALA D 23 0.62 16.35 11.68
CA ALA D 23 1.89 16.67 11.06
C ALA D 23 1.75 17.08 9.59
N GLU D 24 0.53 17.08 9.05
CA GLU D 24 0.26 17.35 7.63
C GLU D 24 1.07 16.42 6.73
N ARG D 25 1.13 15.14 7.10
CA ARG D 25 1.76 14.09 6.29
C ARG D 25 0.64 13.21 5.77
N TYR D 26 0.04 13.65 4.67
CA TYR D 26 -1.19 13.02 4.24
C TYR D 26 -0.97 11.70 3.53
N ASP D 27 0.22 11.49 2.97
CA ASP D 27 0.52 10.16 2.45
C ASP D 27 0.59 9.12 3.58
N ASP D 28 1.22 9.46 4.71
CA ASP D 28 1.18 8.58 5.89
C ASP D 28 -0.26 8.39 6.38
N MET D 29 -1.00 9.48 6.41
CA MET D 29 -2.37 9.43 6.87
C MET D 29 -3.21 8.49 6.02
N ALA D 30 -3.08 8.62 4.71
CA ALA D 30 -3.84 7.78 3.80
C ALA D 30 -3.42 6.33 3.91
N SER D 31 -2.11 6.07 3.91
CA SER D 31 -1.61 4.71 4.06
C SER D 31 -2.14 4.05 5.33
N ALA D 32 -2.21 4.80 6.45
CA ALA D 32 -2.75 4.23 7.68
C ALA D 32 -4.26 3.97 7.55
N MET D 33 -5.00 4.91 7.01
CA MET D 33 -6.43 4.75 6.86
C MET D 33 -6.76 3.64 5.86
N LYS D 34 -5.95 3.48 4.87
CA LYS D 34 -6.13 2.36 3.95
C LYS D 34 -6.01 1.05 4.69
N ALA D 35 -5.00 0.96 5.56
CA ALA D 35 -4.78 -0.26 6.34
C ALA D 35 -5.92 -0.50 7.31
N VAL D 36 -6.45 0.56 7.93
CA VAL D 36 -7.63 0.43 8.79
C VAL D 36 -8.80 -0.15 8.01
N THR D 37 -9.12 0.46 6.87
CA THR D 37 -10.22 -0.04 6.05
C THR D 37 -10.03 -1.50 5.69
N GLU D 38 -8.81 -1.90 5.36
CA GLU D 38 -8.54 -3.28 4.97
C GLU D 38 -8.70 -4.28 6.12
N LEU D 39 -8.89 -3.81 7.36
CA LEU D 39 -9.25 -4.71 8.43
C LEU D 39 -10.66 -5.27 8.28
N ASN D 40 -11.44 -4.75 7.32
CA ASN D 40 -12.76 -5.28 6.99
C ASN D 40 -13.76 -5.08 8.12
N GLU D 41 -13.60 -4.00 8.90
CA GLU D 41 -14.50 -3.59 9.95
C GLU D 41 -15.09 -2.23 9.60
N PRO D 42 -16.32 -1.93 10.04
CA PRO D 42 -16.94 -0.66 9.66
C PRO D 42 -16.12 0.52 10.16
N LEU D 43 -16.22 1.63 9.43
CA LEU D 43 -15.65 2.89 9.86
C LEU D 43 -16.72 3.68 10.60
N SER D 44 -16.39 4.15 11.80
CA SER D 44 -17.25 5.12 12.46
C SER D 44 -17.26 6.43 11.67
N ASN D 45 -18.04 7.41 12.14
CA ASN D 45 -18.07 8.70 11.44
C ASN D 45 -16.74 9.42 11.52
N GLU D 46 -16.06 9.32 12.68
CA GLU D 46 -14.73 9.92 12.81
C GLU D 46 -13.74 9.23 11.89
N ASP D 47 -13.77 7.89 11.84
CA ASP D 47 -12.85 7.16 10.99
C ASP D 47 -13.10 7.47 9.52
N ARG D 48 -14.38 7.59 9.15
CA ARG D 48 -14.76 7.91 7.78
C ARG D 48 -14.19 9.25 7.35
N ASN D 49 -14.27 10.25 8.24
CA ASN D 49 -13.71 11.56 7.93
C ASN D 49 -12.19 11.53 7.86
N LEU D 50 -11.52 10.70 8.67
CA LEU D 50 -10.07 10.57 8.55
C LEU D 50 -9.68 10.02 7.19
N LEU D 51 -10.36 8.96 6.76
CA LEU D 51 -10.07 8.38 5.45
C LEU D 51 -10.33 9.39 4.34
N SER D 52 -11.42 10.15 4.45
CA SER D 52 -11.77 11.12 3.42
C SER D 52 -10.77 12.27 3.37
N VAL D 53 -10.46 12.86 4.53
CA VAL D 53 -9.48 13.97 4.60
C VAL D 53 -8.14 13.53 4.02
N ALA D 54 -7.66 12.35 4.42
CA ALA D 54 -6.37 11.84 3.96
C ALA D 54 -6.33 11.77 2.44
N TYR D 55 -7.30 11.06 1.84
CA TYR D 55 -7.24 10.88 0.39
C TYR D 55 -7.59 12.15 -0.38
N LYS D 56 -8.46 13.00 0.15
CA LYS D 56 -8.72 14.27 -0.51
C LYS D 56 -7.44 15.08 -0.64
N ASN D 57 -6.58 15.05 0.38
CA ASN D 57 -5.35 15.82 0.37
C ASN D 57 -4.31 15.20 -0.55
N VAL D 58 -4.16 13.88 -0.49
CA VAL D 58 -3.23 13.18 -1.36
C VAL D 58 -3.59 13.40 -2.83
N VAL D 59 -4.84 13.10 -3.21
CA VAL D 59 -5.23 13.27 -4.60
C VAL D 59 -5.19 14.74 -5.00
N GLY D 60 -5.44 15.65 -4.05
CA GLY D 60 -5.46 17.07 -4.39
C GLY D 60 -4.09 17.63 -4.72
N ALA D 61 -3.04 17.18 -4.03
CA ALA D 61 -1.67 17.53 -4.42
C ALA D 61 -1.37 17.07 -5.84
N ARG D 62 -1.74 15.83 -6.18
CA ARG D 62 -1.47 15.34 -7.55
C ARG D 62 -2.30 16.10 -8.57
N ARG D 63 -3.59 16.34 -8.26
CA ARG D 63 -4.46 17.12 -9.15
C ARG D 63 -3.87 18.50 -9.40
N SER D 64 -3.41 19.17 -8.33
CA SER D 64 -2.84 20.50 -8.47
C SER D 64 -1.54 20.46 -9.26
N SER D 65 -0.67 19.47 -9.00
CA SER D 65 0.55 19.37 -9.77
C SER D 65 0.25 19.07 -11.23
N TRP D 66 -0.72 18.18 -11.47
CA TRP D 66 -1.08 17.81 -12.84
C TRP D 66 -1.56 19.01 -13.64
N ARG D 67 -2.36 19.88 -13.02
CA ARG D 67 -2.84 21.06 -13.73
C ARG D 67 -1.67 21.97 -14.12
N VAL D 68 -0.67 22.07 -13.25
CA VAL D 68 0.47 22.96 -13.54
C VAL D 68 1.26 22.45 -14.74
N ILE D 69 1.59 21.15 -14.75
CA ILE D 69 2.47 20.63 -15.80
C ILE D 69 1.72 20.53 -17.12
N SER D 70 0.45 20.13 -17.08
CA SER D 70 -0.37 20.15 -18.29
C SER D 70 -0.48 21.56 -18.86
N SER D 71 -0.61 22.56 -17.99
CA SER D 71 -0.63 23.94 -18.46
C SER D 71 0.69 24.30 -19.13
N ILE D 72 1.81 23.88 -18.55
CA ILE D 72 3.09 24.10 -19.18
C ILE D 72 3.17 23.32 -20.50
N GLU D 73 2.64 22.11 -20.53
CA GLU D 73 2.66 21.31 -21.76
C GLU D 73 1.85 21.98 -22.86
N GLN D 74 0.71 22.59 -22.51
CA GLN D 74 -0.08 23.34 -23.48
C GLN D 74 0.75 24.45 -24.12
N LYS D 75 1.23 25.40 -23.30
CA LYS D 75 2.04 26.50 -23.81
C LYS D 75 3.41 26.06 -24.33
N THR D 76 3.79 24.80 -24.12
CA THR D 76 5.08 24.32 -24.62
C THR D 76 5.08 24.19 -26.14
N MET D 77 3.93 23.86 -26.73
CA MET D 77 3.84 23.77 -28.20
C MET D 77 4.31 25.17 -28.54
N ALA D 78 5.39 25.33 -29.21
CA ALA D 78 5.98 26.64 -29.50
C ALA D 78 7.32 26.51 -30.20
N ASN D 81 10.21 23.17 -29.06
CA ASN D 81 11.27 22.17 -28.89
C ASN D 81 10.68 20.79 -28.66
N GLU D 82 10.83 19.90 -29.64
CA GLU D 82 10.29 18.55 -29.53
C GLU D 82 10.85 17.82 -28.31
N LYS D 83 12.13 18.06 -27.98
CA LYS D 83 12.72 17.36 -26.85
C LYS D 83 12.32 17.96 -25.52
N LYS D 84 12.24 19.30 -25.42
CA LYS D 84 11.73 19.93 -24.21
C LYS D 84 10.28 19.54 -23.96
N LEU D 85 9.44 19.56 -24.99
CA LEU D 85 8.06 19.13 -24.83
C LEU D 85 7.97 17.67 -24.38
N GLU D 86 8.85 16.81 -24.90
CA GLU D 86 8.78 15.40 -24.54
C GLU D 86 8.99 15.20 -23.04
N LYS D 87 9.94 15.93 -22.45
CA LYS D 87 10.20 15.78 -21.02
C LYS D 87 9.06 16.35 -20.19
N VAL D 88 8.41 17.41 -20.67
CA VAL D 88 7.22 17.92 -19.98
C VAL D 88 6.11 16.87 -20.00
N LYS D 89 5.87 16.27 -21.17
CA LYS D 89 4.85 15.24 -21.29
C LYS D 89 5.14 14.05 -20.37
N ALA D 90 6.39 13.59 -20.38
CA ALA D 90 6.75 12.44 -19.55
C ALA D 90 6.55 12.74 -18.07
N TYR D 91 6.83 13.98 -17.65
CA TYR D 91 6.66 14.32 -16.24
C TYR D 91 5.18 14.38 -15.87
N ARG D 92 4.36 14.97 -16.74
CA ARG D 92 2.92 15.01 -16.51
C ARG D 92 2.34 13.60 -16.47
N GLU D 93 2.89 12.68 -17.28
CA GLU D 93 2.49 11.27 -17.23
C GLU D 93 2.88 10.63 -15.89
N LYS D 94 4.11 10.88 -15.44
CA LYS D 94 4.55 10.44 -14.13
C LYS D 94 3.56 10.86 -13.05
N ILE D 95 3.21 12.15 -13.03
CA ILE D 95 2.23 12.65 -12.07
C ILE D 95 0.89 11.98 -12.30
N GLU D 96 0.51 11.85 -13.56
CA GLU D 96 -0.78 11.25 -13.90
C GLU D 96 -0.89 9.83 -13.37
N LYS D 97 0.19 9.06 -13.45
CA LYS D 97 0.15 7.68 -12.96
C LYS D 97 0.09 7.64 -11.44
N GLU D 98 0.76 8.59 -10.77
CA GLU D 98 0.58 8.71 -9.33
C GLU D 98 -0.87 9.00 -8.99
N LEU D 99 -1.49 9.93 -9.72
CA LEU D 99 -2.88 10.28 -9.46
C LEU D 99 -3.79 9.08 -9.67
N GLU D 100 -3.59 8.34 -10.76
CA GLU D 100 -4.45 7.19 -11.07
C GLU D 100 -4.31 6.09 -10.02
N THR D 101 -3.09 5.83 -9.57
CA THR D 101 -2.87 4.88 -8.48
C THR D 101 -3.63 5.28 -7.22
N VAL D 102 -3.61 6.57 -6.87
CA VAL D 102 -4.32 7.04 -5.68
C VAL D 102 -5.82 6.82 -5.85
N CYS D 103 -6.37 7.23 -7.00
CA CYS D 103 -7.80 7.07 -7.24
C CYS D 103 -8.21 5.60 -7.24
N ASN D 104 -7.39 4.74 -7.85
CA ASN D 104 -7.74 3.33 -7.90
C ASN D 104 -7.66 2.67 -6.52
N ASP D 105 -6.71 3.09 -5.69
CA ASP D 105 -6.66 2.58 -4.32
C ASP D 105 -7.95 2.89 -3.57
N VAL D 106 -8.38 4.16 -3.60
CA VAL D 106 -9.63 4.59 -2.97
C VAL D 106 -10.80 3.79 -3.52
N LEU D 107 -10.90 3.73 -4.86
CA LEU D 107 -12.02 3.03 -5.47
C LEU D 107 -12.02 1.56 -5.10
N ALA D 108 -10.84 0.94 -5.01
CA ALA D 108 -10.80 -0.45 -4.56
C ALA D 108 -11.29 -0.57 -3.12
N LEU D 109 -10.87 0.35 -2.24
CA LEU D 109 -11.37 0.35 -0.87
C LEU D 109 -12.89 0.46 -0.84
N LEU D 110 -13.45 1.38 -1.62
CA LEU D 110 -14.90 1.59 -1.62
C LEU D 110 -15.64 0.36 -2.10
N ASP D 111 -15.07 -0.32 -3.11
CA ASP D 111 -15.75 -1.47 -3.69
C ASP D 111 -15.51 -2.75 -2.87
N LYS D 112 -14.29 -2.94 -2.37
CA LYS D 112 -13.99 -4.19 -1.66
C LYS D 112 -14.54 -4.19 -0.23
N PHE D 113 -14.60 -3.03 0.43
CA PHE D 113 -14.97 -3.02 1.84
C PHE D 113 -16.09 -2.03 2.17
N LEU D 114 -15.91 -0.75 1.84
CA LEU D 114 -16.73 0.28 2.47
C LEU D 114 -18.18 0.24 1.99
N ILE D 115 -18.39 0.28 0.67
CA ILE D 115 -19.76 0.19 0.15
C ILE D 115 -20.33 -1.20 0.39
N LYS D 116 -19.52 -2.24 0.16
CA LYS D 116 -20.01 -3.61 0.31
C LYS D 116 -20.62 -3.84 1.68
N ASN D 117 -19.88 -3.52 2.74
CA ASN D 117 -20.29 -3.80 4.11
C ASN D 117 -21.36 -2.86 4.66
N CYS D 118 -21.86 -1.92 3.86
CA CYS D 118 -22.97 -1.11 4.34
C CYS D 118 -24.22 -1.96 4.47
N ASN D 119 -24.84 -1.90 5.63
CA ASN D 119 -26.15 -2.49 5.84
C ASN D 119 -27.22 -1.62 5.19
N ASP D 120 -28.32 -2.26 4.77
CA ASP D 120 -29.37 -1.57 4.03
C ASP D 120 -29.88 -0.34 4.76
N PHE D 121 -29.81 -0.31 6.09
CA PHE D 121 -30.32 0.83 6.85
C PHE D 121 -29.31 1.96 7.06
N GLN D 122 -28.05 1.76 6.70
CA GLN D 122 -27.03 2.80 6.89
C GLN D 122 -26.96 3.72 5.65
N TYR D 123 -28.08 4.40 5.40
CA TYR D 123 -28.20 5.23 4.21
C TYR D 123 -27.18 6.37 4.20
N GLU D 124 -26.89 6.93 5.38
CA GLU D 124 -25.86 7.96 5.49
C GLU D 124 -24.53 7.44 4.94
N SER D 125 -24.08 6.28 5.43
CA SER D 125 -22.83 5.72 4.94
C SER D 125 -22.89 5.46 3.43
N LYS D 126 -24.00 4.87 2.97
CA LYS D 126 -24.14 4.55 1.55
C LYS D 126 -24.00 5.79 0.68
N VAL D 127 -24.73 6.86 1.02
CA VAL D 127 -24.68 8.09 0.23
C VAL D 127 -23.26 8.65 0.23
N PHE D 128 -22.63 8.69 1.40
CA PHE D 128 -21.28 9.25 1.55
C PHE D 128 -20.26 8.48 0.71
N TYR D 129 -20.33 7.15 0.72
CA TYR D 129 -19.33 6.33 0.03
C TYR D 129 -19.55 6.32 -1.47
N LEU D 130 -20.81 6.23 -1.92
CA LEU D 130 -21.06 6.29 -3.36
C LEU D 130 -20.77 7.68 -3.92
N LYS D 131 -21.05 8.74 -3.15
CA LYS D 131 -20.59 10.06 -3.56
C LYS D 131 -19.06 10.08 -3.72
N MET D 132 -18.36 9.48 -2.76
CA MET D 132 -16.90 9.40 -2.82
C MET D 132 -16.47 8.66 -4.08
N LYS D 133 -17.17 7.58 -4.42
CA LYS D 133 -16.90 6.83 -5.65
C LYS D 133 -17.10 7.70 -6.88
N GLY D 134 -18.18 8.48 -6.91
CA GLY D 134 -18.36 9.44 -8.00
C GLY D 134 -17.23 10.45 -8.08
N ASP D 135 -16.74 10.91 -6.91
CA ASP D 135 -15.66 11.90 -6.87
C ASP D 135 -14.37 11.37 -7.48
N TYR D 136 -13.95 10.16 -7.07
CA TYR D 136 -12.66 9.64 -7.52
C TYR D 136 -12.73 9.14 -8.96
N TYR D 137 -13.90 8.71 -9.44
CA TYR D 137 -14.00 8.48 -10.87
C TYR D 137 -13.97 9.78 -11.64
N ARG D 138 -14.50 10.86 -11.05
CA ARG D 138 -14.42 12.16 -11.70
C ARG D 138 -12.97 12.67 -11.75
N TYR D 139 -12.18 12.41 -10.70
CA TYR D 139 -10.77 12.78 -10.75
C TYR D 139 -10.02 11.98 -11.83
N LEU D 140 -10.37 10.71 -12.02
CA LEU D 140 -9.79 9.96 -13.13
C LEU D 140 -10.23 10.56 -14.47
N ALA D 141 -11.49 10.99 -14.56
CA ALA D 141 -12.01 11.55 -15.80
C ALA D 141 -11.37 12.89 -16.14
N GLU D 142 -10.85 13.60 -15.13
CA GLU D 142 -10.17 14.87 -15.39
C GLU D 142 -8.91 14.69 -16.21
N VAL D 143 -8.29 13.51 -16.17
CA VAL D 143 -7.02 13.29 -16.84
C VAL D 143 -7.12 12.24 -17.94
N ALA D 144 -8.19 11.47 -17.98
CA ALA D 144 -8.31 10.38 -18.94
C ALA D 144 -8.63 10.94 -20.32
N SER D 145 -8.43 10.09 -21.32
CA SER D 145 -8.82 10.44 -22.68
C SER D 145 -9.31 9.17 -23.38
N GLY D 146 -9.93 9.37 -24.55
CA GLY D 146 -10.32 8.25 -25.39
C GLY D 146 -11.32 7.32 -24.70
N GLU D 147 -11.10 6.01 -24.88
CA GLU D 147 -12.04 5.01 -24.37
C GLU D 147 -11.98 4.92 -22.86
N LYS D 148 -10.77 5.02 -22.29
CA LYS D 148 -10.66 5.00 -20.84
C LYS D 148 -11.48 6.14 -20.23
N LYS D 149 -11.49 7.31 -20.87
CA LYS D 149 -12.30 8.41 -20.37
C LYS D 149 -13.77 8.05 -20.33
N ASN D 150 -14.30 7.50 -21.42
CA ASN D 150 -15.72 7.13 -21.47
C ASN D 150 -16.09 6.25 -20.29
N SER D 151 -15.26 5.25 -19.99
CA SER D 151 -15.54 4.31 -18.92
C SER D 151 -15.64 5.02 -17.56
N VAL D 152 -14.68 5.89 -17.24
CA VAL D 152 -14.69 6.51 -15.92
C VAL D 152 -15.77 7.58 -15.81
N VAL D 153 -16.09 8.26 -16.92
CA VAL D 153 -17.17 9.22 -16.91
C VAL D 153 -18.49 8.53 -16.57
N GLU D 154 -18.81 7.43 -17.27
CA GLU D 154 -20.05 6.73 -16.99
C GLU D 154 -20.03 6.09 -15.59
N ALA D 155 -18.86 5.61 -15.14
CA ALA D 155 -18.78 5.09 -13.77
C ALA D 155 -18.99 6.21 -12.75
N SER D 156 -18.42 7.39 -12.99
CA SER D 156 -18.66 8.52 -12.11
C SER D 156 -20.16 8.82 -12.01
N GLU D 157 -20.81 8.96 -13.15
CA GLU D 157 -22.20 9.38 -13.16
C GLU D 157 -23.11 8.33 -12.54
N ALA D 158 -22.80 7.04 -12.75
CA ALA D 158 -23.62 5.98 -12.17
C ALA D 158 -23.53 5.99 -10.66
N ALA D 159 -22.34 6.23 -10.11
CA ALA D 159 -22.20 6.30 -8.65
C ALA D 159 -22.97 7.49 -8.08
N TYR D 160 -22.71 8.68 -8.61
CA TYR D 160 -23.45 9.88 -8.21
C TYR D 160 -24.95 9.67 -8.32
N LYS D 161 -25.39 9.09 -9.44
CA LYS D 161 -26.83 8.91 -9.67
C LYS D 161 -27.44 8.02 -8.59
N GLU D 162 -26.72 6.96 -8.18
CA GLU D 162 -27.26 6.09 -7.15
C GLU D 162 -27.28 6.78 -5.79
N ALA D 163 -26.19 7.45 -5.44
CA ALA D 163 -26.16 8.15 -4.16
C ALA D 163 -27.26 9.22 -4.09
N PHE D 164 -27.55 9.86 -5.23
CA PHE D 164 -28.55 10.92 -5.21
C PHE D 164 -29.94 10.36 -5.03
N GLU D 165 -30.22 9.21 -5.64
CA GLU D 165 -31.50 8.55 -5.48
C GLU D 165 -31.71 8.13 -4.03
N ILE D 166 -30.71 7.51 -3.42
CA ILE D 166 -30.83 7.15 -2.01
C ILE D 166 -30.98 8.39 -1.15
N SER D 167 -30.20 9.44 -1.46
CA SER D 167 -30.30 10.65 -0.66
C SER D 167 -31.67 11.31 -0.81
N LYS D 168 -32.29 11.21 -1.99
CA LYS D 168 -33.62 11.78 -2.17
C LYS D 168 -34.67 11.00 -1.39
N GLU D 169 -34.51 9.68 -1.27
CA GLU D 169 -35.50 8.89 -0.56
C GLU D 169 -35.34 8.97 0.95
N HIS D 170 -34.11 9.20 1.45
CA HIS D 170 -33.87 9.02 2.88
C HIS D 170 -33.28 10.22 3.61
N MET D 171 -33.02 11.33 2.93
CA MET D 171 -32.43 12.51 3.57
C MET D 171 -33.23 13.76 3.27
N GLN D 172 -33.32 14.66 4.24
CA GLN D 172 -33.96 15.95 4.00
C GLN D 172 -33.13 16.77 3.03
N PRO D 173 -33.76 17.66 2.26
CA PRO D 173 -32.99 18.49 1.30
C PRO D 173 -32.00 19.40 1.99
N THR D 174 -32.12 19.57 3.30
CA THR D 174 -31.18 20.37 4.07
C THR D 174 -30.02 19.56 4.63
N HIS D 175 -29.97 18.26 4.36
CA HIS D 175 -28.90 17.43 4.94
C HIS D 175 -27.55 17.77 4.28
N PRO D 176 -26.51 18.04 5.08
CA PRO D 176 -25.20 18.42 4.49
C PRO D 176 -24.65 17.42 3.48
N ILE D 177 -24.80 16.12 3.74
CA ILE D 177 -24.24 15.14 2.81
C ILE D 177 -25.01 15.19 1.48
N ARG D 178 -26.33 15.26 1.55
CA ARG D 178 -27.13 15.39 0.33
C ARG D 178 -26.78 16.66 -0.44
N LEU D 179 -26.64 17.79 0.26
CA LEU D 179 -26.26 19.04 -0.40
C LEU D 179 -24.85 18.96 -0.98
N GLY D 180 -23.92 18.37 -0.22
CA GLY D 180 -22.57 18.21 -0.74
C GLY D 180 -22.53 17.32 -1.97
N LEU D 181 -23.41 16.31 -2.01
CA LEU D 181 -23.51 15.44 -3.17
C LEU D 181 -24.08 16.21 -4.37
N ALA D 182 -25.17 16.94 -4.16
CA ALA D 182 -25.72 17.73 -5.25
C ALA D 182 -24.66 18.67 -5.82
N LEU D 183 -23.83 19.26 -4.94
CA LEU D 183 -22.83 20.22 -5.39
C LEU D 183 -21.79 19.55 -6.29
N ASN D 184 -21.23 18.43 -5.83
CA ASN D 184 -20.21 17.73 -6.61
C ASN D 184 -20.80 17.13 -7.87
N PHE D 185 -22.02 16.61 -7.78
CA PHE D 185 -22.70 16.08 -8.95
C PHE D 185 -22.92 17.18 -9.99
N SER D 186 -23.30 18.39 -9.55
CA SER D 186 -23.43 19.48 -10.50
C SER D 186 -22.07 19.86 -11.08
N VAL D 187 -21.00 19.75 -10.30
CA VAL D 187 -19.66 20.01 -10.84
C VAL D 187 -19.29 18.95 -11.87
N PHE D 188 -19.72 17.72 -11.65
CA PHE D 188 -19.49 16.68 -12.66
C PHE D 188 -20.13 17.06 -13.98
N TYR D 189 -21.39 17.48 -13.96
CA TYR D 189 -22.05 17.85 -15.21
C TYR D 189 -21.35 19.03 -15.87
N TYR D 190 -20.95 20.03 -15.07
CA TYR D 190 -20.36 21.23 -15.65
C TYR D 190 -18.94 20.97 -16.16
N GLU D 191 -18.10 20.38 -15.32
CA GLU D 191 -16.68 20.26 -15.66
C GLU D 191 -16.39 19.03 -16.51
N ILE D 192 -17.03 17.90 -16.24
CA ILE D 192 -16.72 16.68 -16.98
C ILE D 192 -17.59 16.56 -18.22
N GLN D 193 -18.90 16.74 -18.07
CA GLN D 193 -19.83 16.51 -19.16
C GLN D 193 -19.99 17.70 -20.09
N ASN D 194 -19.50 18.89 -19.69
CA ASN D 194 -19.73 20.13 -20.45
C ASN D 194 -21.22 20.37 -20.68
N ALA D 195 -22.03 20.11 -19.66
CA ALA D 195 -23.48 20.21 -19.70
C ALA D 195 -23.94 21.27 -18.70
N PRO D 196 -23.74 22.55 -19.00
CA PRO D 196 -24.02 23.60 -18.01
C PRO D 196 -25.48 23.70 -17.63
N GLU D 197 -26.40 23.51 -18.58
CA GLU D 197 -27.82 23.59 -18.28
C GLU D 197 -28.23 22.49 -17.32
N GLN D 198 -27.82 21.26 -17.61
CA GLN D 198 -28.06 20.16 -16.68
C GLN D 198 -27.36 20.41 -15.34
N ALA D 199 -26.16 21.04 -15.38
CA ALA D 199 -25.45 21.35 -14.14
C ALA D 199 -26.20 22.41 -13.35
N CYS D 200 -26.60 23.50 -14.00
CA CYS D 200 -27.31 24.55 -13.29
C CYS D 200 -28.67 24.08 -12.79
N LEU D 201 -29.37 23.26 -13.57
CA LEU D 201 -30.69 22.80 -13.14
C LEU D 201 -30.59 21.93 -11.89
N LEU D 202 -29.51 21.16 -11.75
CA LEU D 202 -29.36 20.31 -10.57
C LEU D 202 -28.98 21.14 -9.35
N ALA D 203 -27.99 22.01 -9.51
CA ALA D 203 -27.61 22.89 -8.40
C ALA D 203 -28.78 23.76 -7.96
N LYS D 204 -29.55 24.28 -8.93
CA LYS D 204 -30.68 25.15 -8.59
C LYS D 204 -31.78 24.37 -7.87
N GLN D 205 -32.10 23.17 -8.33
CA GLN D 205 -33.17 22.41 -7.67
C GLN D 205 -32.81 22.04 -6.24
N ALA D 206 -31.53 21.81 -5.96
CA ALA D 206 -31.11 21.38 -4.63
C ALA D 206 -31.04 22.55 -3.65
N PHE D 207 -30.50 23.68 -4.08
CA PHE D 207 -30.59 24.89 -3.26
C PHE D 207 -32.04 25.24 -2.97
N ASP D 208 -32.90 25.14 -3.98
CA ASP D 208 -34.31 25.49 -3.80
C ASP D 208 -35.00 24.52 -2.86
N ASP D 209 -34.79 23.21 -3.04
CA ASP D 209 -35.37 22.24 -2.12
C ASP D 209 -34.90 22.45 -0.69
N ALA D 210 -33.66 22.91 -0.51
CA ALA D 210 -33.19 23.14 0.86
C ALA D 210 -33.77 24.41 1.44
N ILE D 211 -33.67 25.53 0.71
CA ILE D 211 -34.18 26.80 1.19
C ILE D 211 -35.69 26.72 1.43
N ALA D 212 -36.39 25.80 0.78
CA ALA D 212 -37.81 25.60 1.04
C ALA D 212 -38.06 25.02 2.43
N GLU D 213 -37.07 24.36 3.04
CA GLU D 213 -37.24 23.73 4.35
C GLU D 213 -36.32 24.33 5.41
N LEU D 214 -35.58 25.40 5.10
CA LEU D 214 -34.59 25.95 6.03
C LEU D 214 -35.17 26.33 7.39
N ASP D 220 -28.22 25.72 14.83
CA ASP D 220 -26.87 25.17 14.81
C ASP D 220 -26.66 24.33 13.56
N SER D 221 -27.64 23.47 13.28
CA SER D 221 -27.63 22.71 12.03
C SER D 221 -27.73 23.64 10.83
N TYR D 222 -28.34 24.81 11.00
CA TYR D 222 -28.46 25.78 9.91
C TYR D 222 -27.11 26.12 9.31
N LYS D 223 -26.15 26.52 10.16
CA LYS D 223 -24.84 26.93 9.68
C LYS D 223 -24.19 25.87 8.80
N ASP D 224 -24.44 24.60 9.09
CA ASP D 224 -23.83 23.52 8.31
C ASP D 224 -24.42 23.44 6.91
N SER D 225 -25.75 23.41 6.81
CA SER D 225 -26.38 23.33 5.50
C SER D 225 -26.20 24.63 4.72
N THR D 226 -26.30 25.78 5.39
CA THR D 226 -26.21 27.05 4.69
C THR D 226 -24.84 27.26 4.08
N LEU D 227 -23.79 26.72 4.72
CA LEU D 227 -22.45 26.83 4.14
C LEU D 227 -22.39 26.19 2.76
N ILE D 228 -22.99 25.00 2.60
CA ILE D 228 -22.95 24.31 1.32
C ILE D 228 -23.91 24.96 0.33
N MET D 229 -25.10 25.36 0.79
CA MET D 229 -26.03 26.08 -0.07
C MET D 229 -25.38 27.31 -0.69
N GLN D 230 -24.54 28.02 0.08
CA GLN D 230 -23.83 29.17 -0.46
C GLN D 230 -22.88 28.75 -1.58
N LEU D 231 -22.31 27.55 -1.52
CA LEU D 231 -21.42 27.09 -2.59
C LEU D 231 -22.23 26.76 -3.85
N LEU D 232 -23.38 26.12 -3.69
CA LEU D 232 -24.29 25.91 -4.80
C LEU D 232 -24.60 27.24 -5.50
N ARG D 233 -24.92 28.28 -4.71
CA ARG D 233 -25.33 29.56 -5.28
C ARG D 233 -24.16 30.27 -5.94
N ASP D 234 -22.96 30.15 -5.37
CA ASP D 234 -21.78 30.73 -6.00
C ASP D 234 -21.53 30.11 -7.36
N ASN D 235 -21.59 28.77 -7.44
CA ASN D 235 -21.42 28.11 -8.73
C ASN D 235 -22.51 28.55 -9.71
N LEU D 236 -23.76 28.61 -9.27
CA LEU D 236 -24.84 29.07 -10.15
C LEU D 236 -24.63 30.53 -10.57
N THR D 237 -24.25 31.38 -9.63
CA THR D 237 -23.90 32.75 -9.99
C THR D 237 -22.79 32.76 -11.03
N LEU D 238 -21.79 31.89 -10.86
CA LEU D 238 -20.68 31.85 -11.80
C LEU D 238 -21.09 31.24 -13.14
N TRP D 239 -21.84 30.13 -13.11
CA TRP D 239 -22.16 29.37 -14.32
C TRP D 239 -23.23 30.05 -15.19
N THR D 240 -23.91 31.06 -14.68
CA THR D 240 -24.92 31.77 -15.46
C THR D 240 -24.57 33.26 -15.58
N ARG E 3 -6.28 -37.11 13.90
CA ARG E 3 -5.53 -37.17 12.65
C ARG E 3 -5.91 -38.40 11.84
N GLY E 5 -8.44 -34.08 12.66
CA GLY E 5 -8.82 -35.29 11.96
C GLY E 5 -10.18 -35.21 11.26
N SEP E 6 -10.66 -34.00 11.01
CA SEP E 6 -11.99 -33.80 10.45
CB SEP E 6 -12.46 -32.35 10.62
OG SEP E 6 -11.71 -31.50 9.79
C SEP E 6 -11.93 -34.14 8.97
O SEP E 6 -10.84 -34.21 8.44
P SEP E 6 -11.95 -29.94 10.10
O1P SEP E 6 -13.52 -29.59 9.92
O2P SEP E 6 -11.43 -29.68 11.58
O3P SEP E 6 -11.08 -29.07 9.06
N PHE E 7 -13.09 -34.18 8.33
CA PHE E 7 -13.14 -34.41 6.89
C PHE E 7 -12.43 -33.26 6.18
N ARG E 8 -11.40 -33.58 5.40
CA ARG E 8 -10.61 -32.56 4.73
C ARG E 8 -11.07 -32.38 3.28
N ALA E 12 -9.83 -34.32 -2.98
CA ALA E 12 -8.58 -33.74 -3.46
C ALA E 12 -8.62 -33.54 -4.98
N LEU E 13 -8.45 -32.31 -5.44
CA LEU E 13 -8.52 -32.03 -6.86
C LEU E 13 -7.24 -32.26 -7.62
N SER E 14 -7.27 -32.05 -8.91
CA SER E 14 -6.10 -32.15 -9.74
C SER E 14 -5.42 -30.84 -9.38
N GLN E 15 -4.93 -30.93 -8.12
CA GLN E 15 -4.10 -30.00 -7.36
C GLN E 15 -3.11 -31.03 -6.72
N LYS E 16 -3.26 -32.26 -7.16
CA LYS E 16 -2.47 -33.40 -6.78
C LYS E 16 -1.34 -33.37 -7.77
N MET E 17 -1.66 -33.10 -9.01
CA MET E 17 -0.69 -33.02 -10.06
C MET E 17 -0.21 -31.58 -10.20
N SER E 18 0.14 -30.98 -9.08
CA SER E 18 0.65 -29.64 -9.10
C SER E 18 2.12 -29.70 -8.80
N PRO E 19 2.43 -30.38 -7.64
CA PRO E 19 3.86 -30.40 -7.30
C PRO E 19 4.75 -31.11 -8.28
N PHE E 20 4.20 -31.53 -9.40
CA PHE E 20 5.01 -32.22 -10.36
C PHE E 20 5.43 -31.23 -11.43
N LYS E 21 4.79 -30.08 -11.43
CA LYS E 21 5.04 -29.02 -12.38
C LYS E 21 6.49 -28.63 -12.54
N ARG E 22 6.85 -28.32 -13.77
CA ARG E 22 8.21 -27.90 -14.06
C ARG E 22 8.25 -26.37 -14.11
N GLN E 23 9.07 -25.78 -13.25
CA GLN E 23 9.32 -24.35 -13.25
C GLN E 23 10.65 -24.07 -13.95
N LEU E 24 10.63 -23.19 -14.93
CA LEU E 24 11.82 -22.87 -15.71
C LEU E 24 12.78 -21.91 -15.01
N SEP E 25 12.22 -20.96 -14.26
CA SEP E 25 13.03 -19.91 -13.64
CB SEP E 25 12.21 -18.62 -13.46
OG SEP E 25 11.06 -18.84 -12.66
C SEP E 25 13.61 -20.37 -12.30
O SEP E 25 13.01 -21.18 -11.60
P SEP E 25 10.04 -17.59 -12.67
O1P SEP E 25 8.88 -17.86 -11.61
O2P SEP E 25 10.84 -16.26 -12.30
O3P SEP E 25 9.45 -17.48 -14.16
N LEU E 26 14.24 -19.42 -11.59
CA LEU E 26 14.83 -19.69 -10.28
C LEU E 26 13.78 -19.78 -9.18
N ARG E 27 14.02 -20.67 -8.22
CA ARG E 27 13.18 -20.85 -7.03
C ARG E 27 13.84 -20.21 -5.82
N ILE E 28 13.14 -20.25 -4.68
CA ILE E 28 13.69 -19.77 -3.41
C ILE E 28 13.44 -20.77 -2.30
N GLN F 4 11.81 29.54 12.73
CA GLN F 4 11.11 30.67 13.33
C GLN F 4 11.63 32.02 12.82
N GLY F 5 12.90 32.34 13.06
CA GLY F 5 13.45 33.64 12.71
C GLY F 5 14.41 33.70 11.53
N SEP F 6 14.73 32.55 10.95
CA SEP F 6 15.73 32.44 9.88
CB SEP F 6 16.21 31.00 9.73
OG SEP F 6 15.26 30.26 8.98
C SEP F 6 15.16 32.90 8.56
O SEP F 6 13.95 33.08 8.42
P SEP F 6 15.54 28.68 8.96
O1P SEP F 6 14.32 27.94 8.21
O2P SEP F 6 15.60 28.18 10.47
O3P SEP F 6 16.91 28.39 8.19
N PHE F 7 16.03 33.07 7.57
CA PHE F 7 15.62 33.50 6.25
C PHE F 7 14.66 32.49 5.64
N ARG F 8 13.45 32.94 5.35
CA ARG F 8 12.45 32.08 4.75
C ARG F 8 12.25 32.45 3.29
N SER F 14 5.00 33.83 -5.84
CA SER F 14 3.93 34.42 -6.64
C SER F 14 2.81 33.41 -6.85
N GLN F 15 3.19 32.12 -6.87
CA GLN F 15 2.20 31.06 -6.83
C GLN F 15 1.42 31.06 -5.51
N LYS F 16 1.84 31.88 -4.54
CA LYS F 16 1.13 32.21 -3.30
C LYS F 16 -0.13 33.00 -3.54
N MET F 17 -0.49 33.17 -4.81
CA MET F 17 -1.84 33.54 -5.19
C MET F 17 -2.81 32.37 -5.08
N SER F 18 -2.32 31.21 -4.61
CA SER F 18 -3.18 30.05 -4.45
C SER F 18 -4.35 30.29 -3.51
N PRO F 19 -4.21 30.91 -2.34
CA PRO F 19 -5.37 31.08 -1.44
C PRO F 19 -6.55 31.84 -2.04
N PHE F 20 -6.38 32.46 -3.21
CA PHE F 20 -7.48 33.15 -3.87
C PHE F 20 -8.21 32.29 -4.90
N LYS F 21 -7.69 31.10 -5.19
CA LYS F 21 -8.34 30.20 -6.12
C LYS F 21 -9.63 29.67 -5.52
N ARG F 22 -10.70 29.65 -6.33
CA ARG F 22 -11.99 29.17 -5.90
C ARG F 22 -12.16 27.72 -6.32
N GLN F 23 -12.42 26.84 -5.35
CA GLN F 23 -12.80 25.47 -5.64
C GLN F 23 -14.28 25.40 -5.99
N LEU F 24 -14.61 24.66 -7.04
CA LEU F 24 -16.00 24.44 -7.40
C LEU F 24 -16.65 23.37 -6.52
N SEP F 25 -15.88 22.34 -6.19
CA SEP F 25 -16.44 21.21 -5.45
CB SEP F 25 -15.67 19.91 -5.77
OG SEP F 25 -14.32 20.00 -5.34
C SEP F 25 -16.44 21.44 -3.94
O SEP F 25 -15.69 22.26 -3.44
P SEP F 25 -13.40 18.82 -5.93
O1P SEP F 25 -13.99 17.39 -5.55
O2P SEP F 25 -13.43 18.94 -7.54
O3P SEP F 25 -11.94 19.01 -5.33
N LEU F 26 -16.96 20.46 -3.22
CA LEU F 26 -17.02 20.50 -1.77
C LEU F 26 -15.62 20.49 -1.14
N ARG F 27 -15.44 21.35 -0.15
CA ARG F 27 -14.18 21.46 0.57
C ARG F 27 -14.02 20.32 1.58
#